data_5MBM
#
_entry.id   5MBM
#
_cell.length_a   101.45
_cell.length_b   201.52
_cell.length_c   46.86
_cell.angle_alpha   90.00
_cell.angle_beta   90.00
_cell.angle_gamma   90.00
#
_symmetry.space_group_name_H-M   'P 21 21 2'
#
loop_
_entity.id
_entity.type
_entity.pdbx_description
1 polymer 'Cathepsin B'
2 polymer 'DARPin 8h6'
3 water water
#
loop_
_entity_poly.entity_id
_entity_poly.type
_entity_poly.pdbx_seq_one_letter_code
_entity_poly.pdbx_strand_id
1 'polypeptide(L)'
;LKLPASFDAREQWPQCPTIKEIRDQGSCGS(SCH)WAFGAVEAISDRICIHTNAHVSVEVSAEDLLTCCGSMCGDGCNGG
YPAEAWNFWTRKGLVSGGLYESHVGCRPYSIPPCEHHVNGSRPPCTGEGDTPKCSKICEPGYSPTYKQDKHYGYNSYSVS
NSEKDIMAEIYKNGPVEGAFSVYSDFLLYKSGVYQHVTGEMMGGHAIRILGWGVENGTPYWLVANSWNTDWGDNGFFKIL
RGQDHCGIESEVVAGIPRTD
;
A,B
2 'polypeptide(L)'
;MRGSHHHHHHGSDLGKKLLDAASAGQDDEVRILIANGADVNASDTYGRTPLHAAAWGHLEIVDVLLAYGADVNASDKWGY
TPLHLAANEGHLEIVEVLLANGADVNASSQRGQTPLHVAATWGHLEIVDVLLANGADVNANDRQGKTPFDLAIDNGNEDI
AEVLQKAAKLN
;
C,D
#
# COMPACT_ATOMS: atom_id res chain seq x y z
N LEU A 1 -8.83 12.30 -33.84
CA LEU A 1 -10.08 12.95 -34.19
C LEU A 1 -11.25 12.03 -33.80
N LYS A 2 -11.31 10.83 -34.39
CA LYS A 2 -12.38 9.82 -34.10
C LYS A 2 -12.35 9.49 -32.65
N LEU A 3 -13.48 9.21 -32.01
CA LEU A 3 -13.39 8.96 -30.58
C LEU A 3 -14.48 8.01 -30.20
N PRO A 4 -14.16 6.95 -29.47
CA PRO A 4 -15.21 6.00 -29.09
C PRO A 4 -16.27 6.66 -28.21
N ALA A 5 -17.41 5.99 -28.01
CA ALA A 5 -18.52 6.51 -27.20
C ALA A 5 -18.36 6.11 -25.71
N SER A 6 -17.62 5.02 -25.45
CA SER A 6 -17.34 4.56 -24.10
C SER A 6 -15.83 4.34 -23.92
N PHE A 7 -15.04 5.42 -23.93
CA PHE A 7 -13.62 5.24 -23.66
C PHE A 7 -13.36 5.32 -22.12
N ASP A 8 -12.51 4.41 -21.62
CA ASP A 8 -12.14 4.37 -20.21
C ASP A 8 -10.61 4.28 -20.01
N ALA A 9 -10.01 5.35 -19.44
CA ALA A 9 -8.55 5.27 -19.22
C ALA A 9 -8.11 3.95 -18.55
N ARG A 10 -8.71 3.57 -17.38
CA ARG A 10 -8.36 2.33 -16.64
C ARG A 10 -8.36 1.15 -17.62
N GLU A 11 -9.17 1.26 -18.70
CA GLU A 11 -9.27 0.24 -19.71
C GLU A 11 -8.19 0.41 -20.72
N GLN A 12 -8.11 1.55 -21.43
CA GLN A 12 -7.02 1.54 -22.42
C GLN A 12 -5.63 1.50 -21.75
N TRP A 13 -5.49 1.97 -20.49
CA TRP A 13 -4.20 1.88 -19.82
C TRP A 13 -4.33 0.92 -18.64
N PRO A 14 -4.53 -0.38 -18.94
CA PRO A 14 -4.67 -1.42 -17.88
C PRO A 14 -3.38 -1.61 -17.09
N GLN A 15 -2.27 -1.30 -17.76
CA GLN A 15 -0.96 -1.42 -17.09
C GLN A 15 -0.76 -0.27 -16.04
N CYS A 16 -1.74 0.65 -15.86
CA CYS A 16 -1.52 1.80 -15.00
C CYS A 16 -2.45 1.84 -13.80
N PRO A 17 -2.00 1.16 -12.75
CA PRO A 17 -2.80 1.11 -11.49
C PRO A 17 -3.39 2.45 -10.85
N THR A 18 -2.57 3.54 -10.70
CA THR A 18 -3.06 4.75 -10.07
C THR A 18 -4.32 5.25 -10.73
N ILE A 19 -4.52 4.96 -12.03
CA ILE A 19 -5.81 5.33 -12.58
C ILE A 19 -6.99 4.72 -11.74
N LYS A 20 -7.17 3.37 -11.71
CA LYS A 20 -8.24 2.69 -10.95
C LYS A 20 -8.35 3.26 -9.50
N GLU A 21 -7.19 3.49 -8.82
CA GLU A 21 -7.13 4.06 -7.49
C GLU A 21 -8.07 5.33 -7.18
N ILE A 22 -8.65 5.43 -5.95
CA ILE A 22 -9.49 6.51 -5.39
C ILE A 22 -8.89 6.96 -4.06
N ARG A 23 -8.79 8.21 -3.73
CA ARG A 23 -8.11 8.64 -2.44
C ARG A 23 -9.06 9.36 -1.32
N ASP A 24 -8.46 9.87 -0.17
CA ASP A 24 -9.22 10.50 0.86
C ASP A 24 -8.47 11.72 1.40
N GLN A 25 -9.05 13.01 1.45
CA GLN A 25 -8.18 14.09 1.97
C GLN A 25 -8.43 14.34 3.45
N GLY A 26 -9.46 13.70 4.01
CA GLY A 26 -9.71 13.85 5.43
C GLY A 26 -9.78 15.17 6.20
N SER A 27 -10.65 16.13 5.90
CA SER A 27 -10.69 17.41 6.67
C SER A 27 -9.68 18.45 6.26
N CYS A 28 -9.53 18.56 4.98
CA CYS A 28 -8.68 19.50 4.35
C CYS A 28 -9.47 19.92 3.22
N GLY A 29 -9.30 21.12 2.70
CA GLY A 29 -10.07 21.50 1.54
C GLY A 29 -9.15 21.33 0.37
N SER A 30 -8.52 20.17 0.24
CA SER A 30 -7.58 19.98 -0.83
C SER A 30 -8.22 19.53 -2.15
N TRP A 32 -8.29 20.98 -5.37
CA TRP A 32 -7.24 21.02 -6.38
C TRP A 32 -6.16 19.99 -6.19
N ALA A 33 -5.46 20.03 -5.07
CA ALA A 33 -4.36 19.13 -4.75
C ALA A 33 -4.65 17.72 -5.05
N PHE A 34 -5.64 17.11 -4.49
CA PHE A 34 -5.83 15.71 -4.81
C PHE A 34 -6.24 15.51 -6.21
N GLY A 35 -7.03 16.36 -6.78
CA GLY A 35 -7.38 16.12 -8.15
C GLY A 35 -6.14 16.21 -9.00
N ALA A 36 -5.16 16.97 -8.56
CA ALA A 36 -3.97 17.11 -9.43
C ALA A 36 -2.95 15.96 -9.23
N VAL A 37 -2.60 15.66 -7.98
CA VAL A 37 -1.60 14.63 -7.80
C VAL A 37 -2.27 13.37 -8.42
N GLU A 38 -3.59 13.42 -8.42
CA GLU A 38 -4.11 12.26 -9.06
C GLU A 38 -3.84 12.23 -10.58
N ALA A 39 -3.94 13.34 -11.37
CA ALA A 39 -3.72 13.07 -12.82
C ALA A 39 -2.34 12.99 -13.10
N ILE A 40 -1.56 13.87 -12.46
CA ILE A 40 -0.14 13.67 -12.73
C ILE A 40 0.40 12.16 -12.39
N SER A 41 -0.25 11.31 -11.55
CA SER A 41 0.22 9.92 -11.44
C SER A 41 -0.22 9.08 -12.64
N ASP A 42 -1.50 8.93 -12.93
CA ASP A 42 -1.75 8.05 -14.11
C ASP A 42 -0.98 8.55 -15.26
N ARG A 43 -1.00 9.92 -15.45
CA ARG A 43 -0.22 10.44 -16.61
C ARG A 43 1.27 10.02 -16.58
N ILE A 44 2.03 10.15 -15.45
CA ILE A 44 3.43 9.67 -15.42
C ILE A 44 3.54 8.18 -15.81
N CYS A 45 2.58 7.33 -15.23
CA CYS A 45 2.59 5.93 -15.60
C CYS A 45 2.35 5.80 -17.10
N ILE A 46 1.44 6.67 -17.73
CA ILE A 46 1.17 6.55 -19.17
C ILE A 46 2.34 7.05 -20.03
N HIS A 47 2.88 8.25 -19.74
CA HIS A 47 3.88 8.89 -20.60
C HIS A 47 5.10 8.01 -20.71
N THR A 48 5.45 7.30 -19.66
CA THR A 48 6.60 6.39 -19.78
C THR A 48 6.12 5.02 -20.20
N ASN A 49 4.85 4.90 -20.59
CA ASN A 49 4.27 3.64 -20.96
C ASN A 49 4.34 2.60 -19.86
N ALA A 50 4.24 3.02 -18.61
CA ALA A 50 4.21 2.11 -17.46
C ALA A 50 5.57 1.59 -17.10
N HIS A 51 6.61 2.27 -17.59
CA HIS A 51 7.97 1.91 -17.22
C HIS A 51 8.19 2.41 -15.80
N VAL A 52 7.50 3.49 -15.50
CA VAL A 52 7.45 4.17 -14.20
C VAL A 52 5.96 4.46 -13.85
N SER A 53 5.50 4.22 -12.60
CA SER A 53 4.13 4.46 -12.14
C SER A 53 4.30 4.84 -10.68
N VAL A 54 3.87 6.02 -10.22
CA VAL A 54 4.08 6.26 -8.79
C VAL A 54 2.88 7.06 -8.27
N GLU A 55 2.74 7.03 -7.00
CA GLU A 55 1.72 7.70 -6.39
C GLU A 55 2.36 9.02 -6.12
N VAL A 56 1.90 10.07 -6.84
CA VAL A 56 2.46 11.40 -6.57
C VAL A 56 1.86 11.95 -5.34
N SER A 57 2.67 12.71 -4.58
CA SER A 57 2.27 13.12 -3.26
C SER A 57 1.31 14.35 -3.10
N ALA A 58 0.04 13.99 -2.79
CA ALA A 58 -0.90 15.02 -2.35
C ALA A 58 -0.21 15.92 -1.26
N GLU A 59 0.37 15.22 -0.27
CA GLU A 59 0.94 15.93 0.87
C GLU A 59 1.86 17.01 0.40
N ASP A 60 2.82 16.56 -0.32
CA ASP A 60 3.80 17.51 -0.81
C ASP A 60 3.21 18.71 -1.42
N LEU A 61 2.49 18.53 -2.55
CA LEU A 61 1.75 19.58 -3.28
C LEU A 61 0.99 20.53 -2.32
N LEU A 62 0.03 19.97 -1.61
CA LEU A 62 -0.67 20.63 -0.50
C LEU A 62 0.16 21.51 0.33
N THR A 63 1.20 21.01 0.91
CA THR A 63 1.94 21.91 1.82
C THR A 63 3.13 22.68 1.20
N CYS A 64 3.65 22.29 0.04
CA CYS A 64 4.82 23.05 -0.33
C CYS A 64 4.49 24.01 -1.38
N CYS A 65 3.20 24.15 -1.79
CA CYS A 65 3.15 25.29 -2.72
C CYS A 65 3.35 26.70 -2.08
N GLY A 66 2.37 27.22 -1.33
CA GLY A 66 2.50 28.55 -0.74
C GLY A 66 1.33 29.35 -1.27
N SER A 67 1.38 30.70 -1.21
CA SER A 67 0.22 31.49 -1.62
C SER A 67 0.05 31.35 -3.08
N MET A 68 0.99 30.78 -3.78
CA MET A 68 0.87 30.64 -5.23
C MET A 68 -0.06 29.55 -5.63
N CYS A 69 -0.58 28.78 -4.71
CA CYS A 69 -1.44 27.64 -5.08
C CYS A 69 -2.67 27.81 -4.24
N GLY A 70 -2.84 28.98 -3.69
CA GLY A 70 -4.01 29.14 -2.86
C GLY A 70 -3.69 29.21 -1.37
N ASP A 71 -4.60 28.70 -0.52
CA ASP A 71 -4.36 28.68 0.97
C ASP A 71 -4.32 27.25 1.52
N GLY A 72 -3.40 26.35 1.03
CA GLY A 72 -3.41 25.03 1.60
C GLY A 72 -4.81 24.47 1.79
N CYS A 73 -5.07 23.95 2.97
CA CYS A 73 -6.29 23.25 3.32
C CYS A 73 -7.50 24.11 3.21
N ASN A 74 -7.36 25.38 2.84
CA ASN A 74 -8.56 26.24 2.67
C ASN A 74 -8.92 26.54 1.21
N GLY A 75 -8.42 25.74 0.25
CA GLY A 75 -8.73 25.94 -1.16
C GLY A 75 -7.46 26.19 -1.94
N GLY A 76 -7.48 25.95 -3.26
CA GLY A 76 -6.29 26.20 -4.03
C GLY A 76 -6.70 26.08 -5.47
N TYR A 77 -5.75 26.42 -6.45
CA TYR A 77 -6.17 26.24 -7.80
C TYR A 77 -5.15 25.47 -8.73
N PRO A 78 -5.70 24.54 -9.52
CA PRO A 78 -5.02 23.70 -10.45
C PRO A 78 -4.05 24.36 -11.36
N ALA A 79 -4.41 25.46 -12.01
CA ALA A 79 -3.47 26.14 -12.94
C ALA A 79 -2.09 26.15 -12.27
N GLU A 80 -1.98 26.84 -11.11
CA GLU A 80 -0.70 26.95 -10.41
C GLU A 80 -0.32 25.62 -9.87
N ALA A 81 -1.23 24.85 -9.29
CA ALA A 81 -0.71 23.50 -8.84
C ALA A 81 -0.01 22.68 -10.02
N TRP A 82 -0.65 22.50 -11.19
CA TRP A 82 -0.07 21.83 -12.32
C TRP A 82 1.18 22.62 -12.80
N ASN A 83 1.12 23.96 -12.97
CA ASN A 83 2.34 24.54 -13.45
C ASN A 83 3.34 24.57 -12.26
N PHE A 84 2.87 24.39 -11.01
CA PHE A 84 3.78 24.31 -9.88
C PHE A 84 4.55 23.03 -10.14
N TRP A 85 3.78 21.98 -10.41
CA TRP A 85 4.39 20.71 -10.80
C TRP A 85 5.41 20.92 -11.95
N THR A 86 5.04 21.64 -13.02
CA THR A 86 6.06 21.80 -14.08
C THR A 86 7.19 22.70 -13.62
N ARG A 87 6.92 23.68 -12.80
CA ARG A 87 7.97 24.61 -12.34
C ARG A 87 8.79 24.05 -11.21
N LYS A 88 8.29 23.15 -10.26
CA LYS A 88 9.20 22.68 -9.16
C LYS A 88 9.18 21.14 -8.79
N GLY A 89 8.35 20.32 -9.43
CA GLY A 89 8.34 18.92 -9.10
C GLY A 89 7.62 18.56 -7.82
N LEU A 90 7.04 17.36 -7.81
CA LEU A 90 6.30 16.71 -6.71
C LEU A 90 7.01 15.34 -6.48
N VAL A 91 6.94 14.75 -5.27
CA VAL A 91 7.60 13.51 -4.87
C VAL A 91 6.54 12.46 -4.69
N SER A 92 6.91 11.26 -4.19
CA SER A 92 6.07 10.10 -4.02
C SER A 92 5.23 10.13 -2.82
N GLY A 93 3.97 9.80 -2.86
CA GLY A 93 3.23 9.86 -1.61
C GLY A 93 1.94 9.07 -1.51
N GLY A 94 2.00 7.77 -1.25
CA GLY A 94 0.77 6.98 -1.16
C GLY A 94 -0.24 7.41 -0.11
N LEU A 95 -1.23 6.57 0.24
CA LEU A 95 -2.25 6.97 1.23
C LEU A 95 -1.81 7.26 2.63
N TYR A 96 -2.71 7.74 3.48
CA TYR A 96 -2.44 8.08 4.88
C TYR A 96 -1.86 6.94 5.72
N GLU A 97 -0.77 7.22 6.48
CA GLU A 97 -0.11 6.25 7.36
C GLU A 97 0.19 5.02 6.52
N SER A 98 0.83 5.14 5.39
CA SER A 98 0.99 3.94 4.61
C SER A 98 2.40 3.59 4.28
N HIS A 99 3.33 4.43 4.63
CA HIS A 99 4.71 4.11 4.43
C HIS A 99 5.09 3.98 2.95
N VAL A 100 4.19 4.40 2.06
CA VAL A 100 4.56 4.43 0.68
C VAL A 100 4.96 5.84 0.31
N GLY A 101 6.03 5.96 -0.43
CA GLY A 101 6.57 7.16 -0.97
C GLY A 101 7.33 8.06 -0.08
N CYS A 102 8.24 8.83 -0.74
CA CYS A 102 8.98 9.93 -0.03
C CYS A 102 8.01 10.67 0.91
N ARG A 103 6.85 11.25 0.43
CA ARG A 103 5.94 11.95 1.43
C ARG A 103 4.51 11.38 1.58
N PRO A 104 4.26 10.22 2.26
CA PRO A 104 2.85 9.78 2.31
C PRO A 104 1.97 10.92 2.94
N TYR A 105 0.66 10.92 2.62
CA TYR A 105 -0.34 11.94 3.02
C TYR A 105 -0.41 12.13 4.53
N SER A 106 -0.62 13.36 5.04
CA SER A 106 -0.64 13.38 6.52
C SER A 106 -1.92 13.86 7.16
N ILE A 107 -3.03 13.77 6.42
CA ILE A 107 -4.22 14.07 7.09
C ILE A 107 -4.96 12.72 7.16
N PRO A 108 -5.30 12.21 8.34
CA PRO A 108 -6.05 10.94 8.45
C PRO A 108 -7.38 11.01 7.63
N PRO A 109 -7.96 9.86 7.22
CA PRO A 109 -9.18 9.85 6.44
C PRO A 109 -10.34 10.19 7.16
N CYS A 110 -11.41 10.47 6.44
CA CYS A 110 -12.60 10.68 7.22
C CYS A 110 -13.80 10.32 6.39
N GLU A 111 -14.97 10.79 6.76
CA GLU A 111 -16.21 10.31 6.12
C GLU A 111 -16.85 11.50 5.65
N HIS A 112 -17.32 11.47 4.39
CA HIS A 112 -17.86 12.61 3.72
C HIS A 112 -19.19 12.26 3.38
N HIS A 113 -20.09 12.84 4.13
CA HIS A 113 -21.53 12.67 3.85
C HIS A 113 -21.93 11.24 3.67
N VAL A 114 -21.42 10.40 4.57
CA VAL A 114 -21.69 8.98 4.53
C VAL A 114 -21.67 8.44 5.94
N ASN A 115 -22.31 7.32 6.17
CA ASN A 115 -22.26 6.82 7.52
C ASN A 115 -21.29 5.60 7.44
N GLY A 116 -20.25 5.50 8.27
CA GLY A 116 -19.41 4.33 8.10
C GLY A 116 -18.34 4.25 9.15
N SER A 117 -17.71 3.12 9.23
CA SER A 117 -16.66 2.93 10.33
C SER A 117 -15.75 4.08 10.68
N ARG A 118 -15.41 4.99 9.74
CA ARG A 118 -14.45 6.04 10.10
C ARG A 118 -15.10 7.27 10.76
N PRO A 119 -14.26 8.16 11.37
CA PRO A 119 -14.67 9.40 11.99
C PRO A 119 -15.34 10.36 10.98
N PRO A 120 -16.24 11.26 11.41
CA PRO A 120 -16.95 12.25 10.60
C PRO A 120 -16.03 13.44 10.33
N CYS A 121 -15.88 13.85 9.07
CA CYS A 121 -14.95 14.93 8.71
C CYS A 121 -15.22 16.22 9.49
N THR A 122 -14.14 17.00 9.72
CA THR A 122 -14.06 18.21 10.52
C THR A 122 -14.28 19.49 9.75
N GLY A 123 -14.75 19.38 8.55
CA GLY A 123 -15.04 20.61 7.79
C GLY A 123 -13.85 21.50 7.43
N GLU A 124 -13.22 21.24 6.25
CA GLU A 124 -12.00 22.03 5.88
C GLU A 124 -11.01 22.30 7.05
N GLY A 125 -9.95 23.15 6.94
CA GLY A 125 -9.18 23.30 8.18
C GLY A 125 -7.80 23.86 8.33
N ASP A 126 -6.91 22.97 8.78
CA ASP A 126 -5.53 23.31 9.16
C ASP A 126 -4.38 22.81 8.27
N THR A 127 -3.82 23.71 7.45
CA THR A 127 -2.70 23.35 6.57
C THR A 127 -1.58 22.61 7.26
N PRO A 128 -1.12 21.48 6.74
CA PRO A 128 -0.03 20.89 7.50
C PRO A 128 1.19 21.69 7.18
N LYS A 129 2.31 21.39 7.80
CA LYS A 129 3.51 22.21 7.57
C LYS A 129 4.20 21.73 6.25
N CYS A 130 5.36 22.19 5.87
CA CYS A 130 6.00 21.70 4.58
C CYS A 130 7.41 21.31 4.94
N SER A 131 7.62 20.01 5.10
CA SER A 131 8.92 19.57 5.43
C SER A 131 9.39 19.11 4.08
N LYS A 132 10.61 19.49 3.73
CA LYS A 132 11.04 19.11 2.41
C LYS A 132 11.87 17.82 2.48
N ILE A 133 11.87 17.07 3.59
CA ILE A 133 12.58 15.79 3.74
C ILE A 133 11.62 14.63 3.62
N CYS A 134 12.07 13.31 3.30
CA CYS A 134 11.04 12.23 3.31
C CYS A 134 10.74 11.49 4.65
N GLU A 135 10.22 10.30 4.46
CA GLU A 135 9.96 9.52 5.63
C GLU A 135 11.30 8.75 5.88
N PRO A 136 11.85 8.81 7.09
CA PRO A 136 13.09 8.17 7.51
C PRO A 136 13.32 6.80 6.84
N GLY A 137 14.42 6.50 6.03
CA GLY A 137 14.40 5.15 5.44
C GLY A 137 13.93 5.14 3.99
N TYR A 138 12.92 6.03 3.60
CA TYR A 138 12.55 6.08 2.20
C TYR A 138 13.84 6.38 1.52
N SER A 139 14.23 5.55 0.60
CA SER A 139 15.60 5.67 0.10
C SER A 139 15.93 6.82 -0.75
N PRO A 140 15.25 7.02 -1.93
CA PRO A 140 15.74 8.21 -2.74
C PRO A 140 15.32 9.55 -2.16
N THR A 141 16.25 10.51 -1.92
CA THR A 141 15.90 11.80 -1.31
C THR A 141 14.84 12.71 -2.03
N TYR A 142 14.27 13.63 -1.19
CA TYR A 142 13.41 14.65 -1.69
C TYR A 142 13.96 15.24 -3.07
N LYS A 143 15.17 15.86 -3.11
CA LYS A 143 15.67 16.34 -4.40
C LYS A 143 15.71 15.19 -5.45
N GLN A 144 16.09 14.00 -5.02
CA GLN A 144 16.14 12.90 -5.96
C GLN A 144 14.77 12.31 -6.39
N ASP A 145 13.72 12.47 -5.57
CA ASP A 145 12.43 11.87 -5.88
C ASP A 145 11.52 12.84 -6.59
N LYS A 146 12.00 14.07 -6.83
CA LYS A 146 11.10 15.05 -7.49
C LYS A 146 10.75 14.57 -8.89
N HIS A 147 9.51 14.79 -9.39
CA HIS A 147 9.07 14.40 -10.75
C HIS A 147 8.63 15.70 -11.39
N TYR A 148 9.24 16.09 -12.52
CA TYR A 148 8.89 17.38 -13.17
C TYR A 148 8.08 17.21 -14.40
N GLY A 149 7.23 18.21 -14.69
CA GLY A 149 6.43 18.08 -15.89
C GLY A 149 7.09 18.78 -17.05
N TYR A 150 6.82 18.39 -18.27
CA TYR A 150 7.45 19.25 -19.25
C TYR A 150 6.62 20.70 -19.46
N ASN A 151 5.23 20.77 -19.46
CA ASN A 151 4.51 22.00 -19.68
C ASN A 151 3.11 21.97 -19.09
N SER A 152 2.44 23.17 -18.74
CA SER A 152 1.10 23.04 -18.12
C SER A 152 -0.14 23.71 -18.89
N TYR A 153 -1.34 23.11 -19.09
CA TYR A 153 -2.30 23.97 -19.83
C TYR A 153 -3.79 23.73 -19.67
N SER A 154 -4.61 24.66 -20.17
CA SER A 154 -6.03 24.42 -20.15
C SER A 154 -6.49 23.86 -21.44
N VAL A 155 -7.59 23.18 -21.35
CA VAL A 155 -8.26 22.71 -22.56
C VAL A 155 -9.46 23.69 -22.82
N SER A 156 -10.01 23.74 -24.03
CA SER A 156 -11.08 24.74 -24.19
C SER A 156 -12.45 24.30 -23.64
N ASN A 157 -13.42 25.26 -23.44
CA ASN A 157 -14.75 24.92 -22.98
C ASN A 157 -15.49 23.85 -23.86
N SER A 158 -15.07 23.56 -25.10
CA SER A 158 -15.66 22.44 -25.83
C SER A 158 -15.37 21.08 -25.10
N GLU A 159 -16.30 20.12 -25.22
CA GLU A 159 -16.22 18.76 -24.78
C GLU A 159 -15.15 18.05 -25.74
N LYS A 160 -15.33 18.00 -27.08
CA LYS A 160 -14.38 17.40 -28.06
C LYS A 160 -12.92 17.66 -27.70
N ASP A 161 -12.56 18.91 -27.42
CA ASP A 161 -11.16 19.13 -27.06
C ASP A 161 -10.86 18.49 -25.64
N ILE A 162 -11.84 18.43 -24.67
CA ILE A 162 -11.58 17.73 -23.38
C ILE A 162 -11.52 16.16 -23.65
N MET A 163 -12.58 15.62 -24.27
CA MET A 163 -12.65 14.18 -24.58
C MET A 163 -11.39 13.76 -25.34
N ALA A 164 -11.02 14.53 -26.37
CA ALA A 164 -9.77 14.23 -27.07
C ALA A 164 -8.50 14.28 -26.09
N GLU A 165 -8.31 15.35 -25.21
CA GLU A 165 -7.13 15.35 -24.32
C GLU A 165 -6.93 14.04 -23.44
N ILE A 166 -8.06 13.40 -23.06
CA ILE A 166 -7.97 12.23 -22.23
C ILE A 166 -7.52 11.08 -23.06
N TYR A 167 -8.03 11.01 -24.33
CA TYR A 167 -7.70 9.96 -25.29
C TYR A 167 -6.15 9.83 -25.57
N LYS A 168 -5.51 10.95 -25.94
CA LYS A 168 -4.09 10.91 -26.29
C LYS A 168 -3.11 10.97 -25.11
N ASN A 169 -3.54 11.55 -23.94
CA ASN A 169 -2.53 11.75 -22.95
C ASN A 169 -2.87 11.31 -21.56
N GLY A 170 -4.18 11.08 -21.22
CA GLY A 170 -4.52 10.57 -19.92
C GLY A 170 -5.52 11.40 -19.18
N PRO A 171 -6.12 10.79 -18.14
CA PRO A 171 -7.12 11.47 -17.28
C PRO A 171 -6.69 12.90 -16.88
N VAL A 172 -7.64 13.82 -16.98
CA VAL A 172 -7.49 15.25 -16.73
C VAL A 172 -8.24 15.73 -15.49
N GLU A 173 -7.95 16.98 -15.08
CA GLU A 173 -8.60 17.46 -13.87
C GLU A 173 -9.51 18.68 -14.13
N GLY A 174 -10.48 18.89 -13.24
CA GLY A 174 -11.35 20.02 -13.37
C GLY A 174 -12.06 20.34 -12.07
N ALA A 175 -12.72 21.47 -12.09
CA ALA A 175 -13.59 21.86 -10.94
C ALA A 175 -15.12 21.97 -11.35
N PHE A 176 -16.06 21.99 -10.39
CA PHE A 176 -17.41 22.22 -10.79
C PHE A 176 -18.25 22.81 -9.71
N SER A 177 -19.39 23.46 -10.07
CA SER A 177 -20.26 24.07 -9.07
C SER A 177 -20.90 22.96 -8.23
N VAL A 178 -20.74 23.08 -6.95
CA VAL A 178 -21.22 22.02 -6.05
C VAL A 178 -22.67 22.23 -5.56
N TYR A 179 -23.47 21.13 -5.40
CA TYR A 179 -24.81 21.26 -4.91
C TYR A 179 -25.08 20.19 -3.87
N SER A 180 -26.01 20.43 -2.98
CA SER A 180 -26.21 19.47 -1.89
C SER A 180 -26.86 18.20 -2.34
N ASP A 181 -27.51 18.20 -3.49
CA ASP A 181 -28.13 16.93 -3.93
C ASP A 181 -26.98 16.06 -4.47
N PHE A 182 -25.80 16.71 -4.66
CA PHE A 182 -24.60 16.02 -5.15
C PHE A 182 -24.09 15.28 -3.97
N LEU A 183 -23.88 15.95 -2.79
CA LEU A 183 -23.55 15.05 -1.69
C LEU A 183 -24.70 14.01 -1.71
N LEU A 184 -24.46 12.76 -1.39
CA LEU A 184 -25.52 11.72 -1.41
C LEU A 184 -25.65 11.08 -2.79
N TYR A 185 -24.77 11.42 -3.74
CA TYR A 185 -24.87 10.86 -5.06
C TYR A 185 -24.49 9.40 -4.88
N LYS A 186 -25.27 8.46 -5.40
CA LYS A 186 -24.78 7.10 -5.30
C LYS A 186 -24.43 6.57 -6.66
N SER A 187 -25.39 6.47 -7.58
CA SER A 187 -25.21 5.88 -8.91
C SER A 187 -25.82 6.72 -10.03
N GLY A 188 -25.80 6.18 -11.30
CA GLY A 188 -26.45 6.87 -12.40
C GLY A 188 -25.87 8.22 -12.72
N VAL A 189 -26.44 8.88 -13.78
CA VAL A 189 -25.88 10.16 -14.18
C VAL A 189 -26.40 11.32 -13.38
N TYR A 190 -25.60 11.82 -12.42
CA TYR A 190 -26.04 12.99 -11.68
C TYR A 190 -26.54 14.18 -12.62
N GLN A 191 -27.44 15.06 -12.05
CA GLN A 191 -28.11 16.23 -12.60
C GLN A 191 -28.82 16.93 -11.48
N HIS A 192 -28.50 18.20 -11.39
CA HIS A 192 -28.96 19.15 -10.36
C HIS A 192 -30.41 19.51 -10.47
N VAL A 193 -31.13 19.49 -9.32
CA VAL A 193 -32.53 19.89 -9.36
C VAL A 193 -32.88 20.60 -8.07
N THR A 194 -32.64 19.92 -6.93
CA THR A 194 -32.98 20.45 -5.60
C THR A 194 -31.74 20.61 -4.73
N GLY A 195 -31.05 21.74 -4.81
CA GLY A 195 -29.91 21.86 -3.95
C GLY A 195 -29.40 23.27 -3.86
N GLU A 196 -28.63 23.47 -2.79
CA GLU A 196 -28.01 24.74 -2.59
C GLU A 196 -26.60 24.56 -3.00
N MET A 197 -26.00 25.61 -3.47
CA MET A 197 -24.64 25.53 -3.87
C MET A 197 -23.80 25.60 -2.63
N MET A 198 -22.62 25.02 -2.67
CA MET A 198 -21.83 24.84 -1.49
C MET A 198 -20.34 25.05 -1.74
N GLY A 199 -19.98 25.29 -2.99
CA GLY A 199 -18.58 25.52 -3.32
C GLY A 199 -18.18 24.96 -4.67
N GLY A 200 -16.90 25.08 -5.00
CA GLY A 200 -16.38 24.54 -6.24
C GLY A 200 -15.10 23.83 -5.85
N HIS A 201 -15.12 22.51 -5.86
CA HIS A 201 -14.00 21.67 -5.48
C HIS A 201 -13.44 21.04 -6.76
N ALA A 202 -12.24 20.46 -6.75
CA ALA A 202 -11.63 19.88 -7.95
C ALA A 202 -11.80 18.40 -8.03
N ILE A 203 -11.71 17.80 -9.22
CA ILE A 203 -11.89 16.35 -9.39
C ILE A 203 -10.99 15.77 -10.48
N ARG A 204 -11.15 14.51 -10.86
CA ARG A 204 -10.35 13.90 -11.92
C ARG A 204 -11.21 13.11 -12.92
N ILE A 205 -11.28 13.59 -14.13
CA ILE A 205 -12.07 12.98 -15.18
C ILE A 205 -11.29 11.90 -15.92
N LEU A 206 -11.85 10.72 -16.28
CA LEU A 206 -10.99 9.71 -16.90
C LEU A 206 -11.69 8.94 -17.98
N GLY A 207 -12.71 9.56 -18.55
CA GLY A 207 -13.44 8.91 -19.60
C GLY A 207 -14.84 9.45 -19.64
N TRP A 208 -15.62 8.81 -20.47
CA TRP A 208 -16.94 9.29 -20.66
C TRP A 208 -17.75 8.16 -21.11
N GLY A 209 -18.98 8.46 -21.38
CA GLY A 209 -19.85 7.44 -21.85
C GLY A 209 -21.26 7.91 -22.10
N VAL A 210 -22.09 6.98 -22.59
CA VAL A 210 -23.46 7.32 -22.76
C VAL A 210 -24.13 6.34 -21.89
N GLU A 211 -25.04 6.79 -21.08
CA GLU A 211 -25.72 5.76 -20.30
C GLU A 211 -27.20 5.88 -20.40
N ASN A 212 -27.83 4.79 -20.88
CA ASN A 212 -29.28 4.78 -20.98
C ASN A 212 -29.64 5.94 -21.87
N GLY A 213 -28.66 6.43 -22.64
CA GLY A 213 -28.95 7.61 -23.45
C GLY A 213 -28.39 8.87 -22.80
N THR A 214 -28.66 9.14 -21.47
CA THR A 214 -28.08 10.33 -20.89
C THR A 214 -26.55 10.32 -21.04
N PRO A 215 -25.95 11.27 -21.77
CA PRO A 215 -24.48 11.30 -21.92
C PRO A 215 -23.71 11.65 -20.60
N TYR A 216 -22.40 11.31 -20.43
CA TYR A 216 -21.76 11.68 -19.14
C TYR A 216 -20.20 11.57 -19.01
N TRP A 217 -19.66 12.25 -17.99
CA TRP A 217 -18.23 12.22 -17.70
C TRP A 217 -17.91 11.32 -16.54
N LEU A 218 -17.10 10.32 -16.79
CA LEU A 218 -16.62 9.39 -15.70
C LEU A 218 -15.60 10.15 -14.72
N VAL A 219 -15.96 10.35 -13.41
CA VAL A 219 -15.03 11.10 -12.53
C VAL A 219 -14.54 10.38 -11.21
N ALA A 220 -13.40 10.76 -10.69
CA ALA A 220 -12.94 10.21 -9.40
C ALA A 220 -12.96 11.35 -8.41
N ASN A 221 -13.56 11.10 -7.24
CA ASN A 221 -13.67 12.08 -6.20
C ASN A 221 -12.56 11.82 -5.10
N SER A 222 -12.30 12.74 -4.16
CA SER A 222 -11.21 12.58 -3.18
C SER A 222 -11.74 12.27 -1.77
N TRP A 223 -13.06 11.80 -1.72
CA TRP A 223 -13.87 11.49 -0.54
C TRP A 223 -13.88 10.01 -0.22
N ASN A 224 -13.10 9.20 -0.94
CA ASN A 224 -13.00 7.75 -0.59
C ASN A 224 -14.07 6.81 -1.04
N THR A 225 -13.65 5.61 -1.15
CA THR A 225 -14.36 4.43 -1.61
C THR A 225 -15.81 4.30 -1.05
N ASP A 226 -16.13 4.44 0.25
CA ASP A 226 -17.54 4.27 0.60
C ASP A 226 -18.38 5.44 0.03
N TRP A 227 -17.81 6.69 -0.10
CA TRP A 227 -18.58 7.74 -0.77
C TRP A 227 -18.86 7.29 -2.23
N GLY A 228 -19.90 7.94 -2.82
CA GLY A 228 -20.35 7.68 -4.18
C GLY A 228 -20.49 6.23 -4.58
N ASP A 229 -20.30 6.04 -5.85
CA ASP A 229 -20.28 4.70 -6.42
C ASP A 229 -18.76 4.30 -6.14
N ASN A 230 -18.41 3.69 -4.95
CA ASN A 230 -16.97 3.41 -4.67
C ASN A 230 -15.99 4.65 -4.85
N GLY A 231 -16.31 5.93 -4.38
CA GLY A 231 -15.40 7.03 -4.74
C GLY A 231 -15.69 7.79 -6.04
N PHE A 232 -16.31 7.12 -7.03
CA PHE A 232 -16.63 7.54 -8.44
C PHE A 232 -18.08 7.90 -8.77
N PHE A 233 -18.25 8.76 -9.79
CA PHE A 233 -19.59 9.24 -10.17
C PHE A 233 -19.67 9.76 -11.56
N LYS A 234 -20.70 9.39 -12.32
CA LYS A 234 -20.86 9.96 -13.66
C LYS A 234 -21.50 11.38 -13.51
N ILE A 235 -21.26 12.29 -14.45
CA ILE A 235 -21.88 13.64 -14.41
C ILE A 235 -22.28 14.03 -15.88
N LEU A 236 -23.19 15.02 -16.06
CA LEU A 236 -23.70 15.39 -17.38
C LEU A 236 -22.69 15.91 -18.39
N ARG A 237 -22.38 15.09 -19.42
CA ARG A 237 -21.39 15.54 -20.41
C ARG A 237 -22.02 16.30 -21.59
N GLY A 238 -21.62 17.58 -21.80
CA GLY A 238 -22.15 18.31 -22.97
C GLY A 238 -22.61 19.75 -22.75
N GLN A 239 -23.33 20.06 -21.68
CA GLN A 239 -23.84 21.39 -21.43
C GLN A 239 -22.95 22.18 -20.49
N ASP A 240 -21.78 21.67 -20.10
CA ASP A 240 -20.94 22.39 -19.15
C ASP A 240 -21.83 22.31 -17.93
N HIS A 241 -22.25 21.06 -17.59
CA HIS A 241 -23.11 20.88 -16.42
C HIS A 241 -22.39 21.32 -15.15
N CYS A 242 -22.87 22.35 -14.54
CA CYS A 242 -22.32 22.81 -13.27
C CYS A 242 -20.87 23.34 -13.51
N GLY A 243 -20.54 23.85 -14.71
CA GLY A 243 -19.20 24.38 -14.94
C GLY A 243 -18.10 23.33 -15.04
N ILE A 244 -18.52 22.05 -15.07
CA ILE A 244 -17.58 20.91 -15.11
C ILE A 244 -16.63 20.93 -16.33
N GLU A 245 -16.88 21.85 -17.29
CA GLU A 245 -16.13 21.85 -18.53
C GLU A 245 -15.44 23.20 -18.65
N SER A 246 -15.85 24.17 -17.82
CA SER A 246 -15.28 25.49 -17.86
C SER A 246 -13.79 25.53 -17.51
N GLU A 247 -13.34 24.80 -16.47
CA GLU A 247 -11.90 24.82 -16.06
C GLU A 247 -11.26 23.44 -16.08
N VAL A 248 -10.64 23.06 -17.19
CA VAL A 248 -9.93 21.77 -17.30
C VAL A 248 -8.44 22.04 -17.54
N VAL A 249 -7.59 21.49 -16.68
CA VAL A 249 -6.12 21.63 -16.90
C VAL A 249 -5.38 20.25 -16.93
N ALA A 250 -4.27 20.18 -17.61
CA ALA A 250 -3.44 19.03 -17.70
C ALA A 250 -2.04 19.42 -18.13
N GLY A 251 -1.02 18.62 -17.74
CA GLY A 251 0.35 18.89 -18.15
C GLY A 251 0.98 17.60 -18.67
N ILE A 252 2.04 17.71 -19.48
CA ILE A 252 2.74 16.48 -19.92
C ILE A 252 3.99 16.34 -19.05
N PRO A 253 4.27 15.10 -18.59
CA PRO A 253 5.45 14.88 -17.74
C PRO A 253 6.80 15.01 -18.53
N ARG A 254 7.91 15.14 -17.76
CA ARG A 254 9.22 15.26 -18.33
C ARG A 254 9.76 13.89 -18.81
N THR A 255 9.99 13.71 -20.13
CA THR A 255 10.56 12.48 -20.66
C THR A 255 11.90 12.24 -19.94
N ASP A 256 12.30 10.96 -19.74
CA ASP A 256 13.54 10.54 -19.05
C ASP A 256 13.19 9.81 -17.74
N LYS B 2 -21.30 -5.56 -3.84
CA LYS B 2 -22.22 -6.15 -2.89
C LYS B 2 -21.96 -7.66 -2.93
N LEU B 3 -21.66 -8.28 -1.79
CA LEU B 3 -21.43 -9.74 -1.77
C LEU B 3 -22.69 -10.51 -1.39
N PRO B 4 -22.94 -11.68 -1.99
CA PRO B 4 -24.13 -12.49 -1.68
C PRO B 4 -24.17 -12.94 -0.20
N ALA B 5 -25.22 -13.66 0.23
CA ALA B 5 -25.32 -14.10 1.63
C ALA B 5 -25.08 -15.61 1.84
N SER B 6 -24.60 -16.34 0.83
CA SER B 6 -24.34 -17.77 0.90
C SER B 6 -23.45 -18.03 -0.27
N PHE B 7 -22.29 -18.57 0.00
CA PHE B 7 -21.32 -18.79 -1.04
C PHE B 7 -20.69 -20.12 -0.87
N ASP B 8 -20.20 -20.69 -1.96
CA ASP B 8 -19.62 -22.01 -1.99
C ASP B 8 -18.42 -22.02 -2.96
N ALA B 9 -17.07 -22.03 -2.55
CA ALA B 9 -16.14 -22.11 -3.69
C ALA B 9 -16.57 -23.31 -4.59
N ARG B 10 -17.07 -24.35 -3.93
CA ARG B 10 -17.55 -25.52 -4.68
C ARG B 10 -18.66 -25.17 -5.61
N GLU B 11 -19.70 -24.50 -5.10
CA GLU B 11 -20.79 -24.21 -5.99
C GLU B 11 -20.32 -23.30 -7.10
N GLN B 12 -19.39 -22.39 -6.82
CA GLN B 12 -19.06 -21.48 -7.93
C GLN B 12 -18.16 -22.01 -9.04
N TRP B 13 -17.24 -22.94 -8.74
CA TRP B 13 -16.36 -23.44 -9.79
C TRP B 13 -16.54 -24.92 -9.86
N PRO B 14 -17.70 -25.34 -10.34
CA PRO B 14 -18.10 -26.75 -10.51
C PRO B 14 -17.13 -27.46 -11.47
N GLN B 15 -16.47 -26.61 -12.26
CA GLN B 15 -15.56 -26.99 -13.32
C GLN B 15 -14.21 -27.43 -12.72
N CYS B 16 -13.98 -27.02 -11.47
CA CYS B 16 -12.78 -27.30 -10.68
C CYS B 16 -13.02 -28.43 -9.67
N PRO B 17 -12.62 -29.63 -10.06
CA PRO B 17 -12.83 -30.75 -9.13
C PRO B 17 -12.16 -30.57 -7.78
N THR B 18 -10.89 -30.04 -7.77
CA THR B 18 -10.20 -29.99 -6.49
C THR B 18 -10.93 -29.24 -5.45
N ILE B 19 -12.03 -28.58 -5.81
CA ILE B 19 -12.71 -27.86 -4.74
C ILE B 19 -13.69 -28.81 -4.13
N LYS B 20 -14.17 -29.74 -4.94
CA LYS B 20 -15.05 -30.76 -4.38
C LYS B 20 -14.25 -31.74 -3.48
N GLU B 21 -13.32 -32.51 -4.09
CA GLU B 21 -12.46 -33.55 -3.42
C GLU B 21 -11.97 -33.36 -1.95
N ILE B 22 -12.03 -34.44 -1.12
CA ILE B 22 -11.57 -34.35 0.30
C ILE B 22 -10.18 -35.07 0.59
N ARG B 23 -9.56 -34.78 1.77
CA ARG B 23 -8.21 -35.29 2.15
C ARG B 23 -7.87 -35.64 3.67
N ASP B 24 -6.95 -36.62 3.75
CA ASP B 24 -6.44 -37.24 4.95
C ASP B 24 -4.93 -37.12 5.15
N GLN B 25 -4.58 -36.71 6.40
CA GLN B 25 -3.23 -36.55 6.88
C GLN B 25 -2.85 -37.73 7.74
N GLY B 26 -3.74 -38.78 7.96
CA GLY B 26 -3.33 -39.91 8.81
C GLY B 26 -2.75 -39.57 10.19
N SER B 27 -1.61 -40.17 10.54
CA SER B 27 -1.03 -39.97 11.84
C SER B 27 0.09 -39.00 11.68
N CYS B 28 -0.24 -37.86 11.09
CA CYS B 28 0.73 -36.79 10.85
C CYS B 28 0.06 -35.54 11.38
N GLY B 29 0.64 -34.85 12.42
CA GLY B 29 0.07 -33.59 12.91
C GLY B 29 0.44 -32.52 11.88
N SER B 30 -0.05 -32.74 10.63
CA SER B 30 0.24 -31.89 9.48
C SER B 30 -0.83 -30.88 9.16
N TRP B 32 -1.31 -27.27 8.96
CA TRP B 32 -0.86 -26.29 7.96
C TRP B 32 -0.57 -26.93 6.67
N ALA B 33 0.04 -28.11 6.73
CA ALA B 33 0.42 -28.70 5.48
C ALA B 33 -0.83 -29.03 4.75
N PHE B 34 -1.89 -29.66 5.38
CA PHE B 34 -3.05 -29.83 4.49
C PHE B 34 -3.84 -28.49 4.17
N GLY B 35 -3.90 -27.47 5.10
CA GLY B 35 -4.67 -26.26 4.81
C GLY B 35 -4.21 -25.58 3.53
N ALA B 36 -2.89 -25.31 3.54
CA ALA B 36 -2.22 -24.68 2.44
C ALA B 36 -2.40 -25.50 1.18
N VAL B 37 -1.99 -26.78 1.22
CA VAL B 37 -2.00 -27.50 -0.02
C VAL B 37 -3.36 -27.67 -0.48
N GLU B 38 -4.35 -28.09 0.40
CA GLU B 38 -5.68 -28.12 -0.23
C GLU B 38 -6.07 -26.76 -1.00
N ALA B 39 -5.95 -25.56 -0.40
CA ALA B 39 -6.31 -24.34 -1.17
C ALA B 39 -5.41 -24.08 -2.44
N ILE B 40 -4.03 -23.97 -2.31
CA ILE B 40 -3.30 -23.73 -3.57
C ILE B 40 -3.78 -24.59 -4.74
N SER B 41 -4.05 -25.81 -4.51
CA SER B 41 -4.45 -26.72 -5.60
C SER B 41 -5.66 -26.23 -6.53
N ASP B 42 -6.66 -25.61 -5.94
CA ASP B 42 -7.88 -25.05 -6.56
C ASP B 42 -7.63 -23.74 -7.21
N ARG B 43 -7.12 -22.78 -6.43
CA ARG B 43 -6.86 -21.41 -6.87
C ARG B 43 -6.18 -21.54 -8.15
N ILE B 44 -5.28 -22.52 -8.25
CA ILE B 44 -4.60 -22.72 -9.54
C ILE B 44 -5.70 -22.87 -10.58
N CYS B 45 -6.49 -23.96 -10.41
CA CYS B 45 -7.64 -24.18 -11.26
C CYS B 45 -8.33 -22.83 -11.53
N ILE B 46 -8.71 -22.10 -10.44
CA ILE B 46 -9.43 -20.81 -10.59
C ILE B 46 -8.70 -19.78 -11.45
N HIS B 47 -7.59 -19.23 -10.91
CA HIS B 47 -6.80 -18.21 -11.55
C HIS B 47 -6.61 -18.48 -13.03
N THR B 48 -6.52 -19.74 -13.40
CA THR B 48 -6.35 -20.11 -14.81
C THR B 48 -7.68 -20.62 -15.37
N ASN B 49 -8.71 -20.61 -14.53
CA ASN B 49 -10.07 -21.06 -14.89
C ASN B 49 -10.17 -22.53 -15.44
N ALA B 50 -9.72 -23.56 -14.65
CA ALA B 50 -9.82 -24.98 -14.95
C ALA B 50 -9.04 -25.28 -16.15
N HIS B 51 -8.53 -24.24 -16.83
CA HIS B 51 -7.76 -24.53 -18.02
C HIS B 51 -6.79 -25.65 -17.61
N VAL B 52 -6.34 -25.63 -16.31
CA VAL B 52 -5.44 -26.64 -15.73
C VAL B 52 -5.88 -27.02 -14.30
N SER B 53 -5.67 -28.29 -13.87
CA SER B 53 -6.05 -28.72 -12.52
C SER B 53 -5.01 -29.75 -12.03
N VAL B 54 -4.50 -29.66 -10.76
CA VAL B 54 -3.49 -30.60 -10.32
C VAL B 54 -3.58 -30.82 -8.82
N GLU B 55 -3.46 -32.11 -8.37
CA GLU B 55 -3.42 -32.13 -6.92
C GLU B 55 -2.03 -31.59 -6.63
N VAL B 56 -1.74 -31.24 -5.45
CA VAL B 56 -0.47 -30.55 -5.25
C VAL B 56 0.06 -31.15 -4.03
N SER B 57 1.20 -31.89 -4.16
CA SER B 57 1.60 -32.73 -3.05
C SER B 57 1.56 -32.27 -1.57
N ALA B 58 0.65 -32.83 -0.66
CA ALA B 58 1.07 -32.29 0.64
C ALA B 58 2.43 -33.00 0.95
N GLU B 59 2.68 -34.25 0.35
CA GLU B 59 3.95 -34.90 0.60
C GLU B 59 5.04 -33.81 0.43
N ASP B 60 5.26 -33.28 -0.83
CA ASP B 60 6.34 -32.30 -0.93
C ASP B 60 6.36 -31.21 0.14
N LEU B 61 5.17 -30.67 0.59
CA LEU B 61 5.32 -29.54 1.48
C LEU B 61 5.78 -29.91 2.94
N LEU B 62 5.24 -31.03 3.53
CA LEU B 62 5.60 -31.49 4.86
C LEU B 62 7.15 -31.77 4.97
N THR B 63 7.57 -32.71 4.07
CA THR B 63 8.87 -33.18 3.89
C THR B 63 9.81 -32.15 3.51
N CYS B 64 9.57 -31.24 2.50
CA CYS B 64 10.70 -30.32 2.16
C CYS B 64 10.77 -28.88 2.75
N CYS B 65 9.73 -28.35 3.36
CA CYS B 65 9.75 -26.98 3.81
C CYS B 65 10.64 -26.94 4.94
N GLY B 66 10.77 -28.06 5.63
CA GLY B 66 11.65 -28.06 6.77
C GLY B 66 11.24 -27.31 8.01
N SER B 67 12.22 -26.53 8.52
CA SER B 67 12.06 -25.78 9.72
C SER B 67 12.00 -24.36 9.31
N MET B 68 11.75 -24.17 8.04
CA MET B 68 11.32 -22.85 7.59
C MET B 68 9.96 -23.02 8.00
N CYS B 69 9.33 -24.20 7.76
CA CYS B 69 7.95 -24.26 8.36
C CYS B 69 8.10 -24.68 9.85
N GLY B 70 7.08 -25.34 10.45
CA GLY B 70 7.29 -25.83 11.82
C GLY B 70 8.02 -27.19 11.81
N ASP B 71 7.94 -28.03 12.96
CA ASP B 71 8.54 -29.36 12.96
C ASP B 71 8.01 -30.38 11.89
N GLY B 72 6.84 -30.15 11.20
CA GLY B 72 6.52 -30.98 10.10
C GLY B 72 5.45 -31.89 10.49
N CYS B 73 5.70 -32.74 11.43
CA CYS B 73 4.55 -33.60 11.60
C CYS B 73 3.97 -33.51 12.99
N ASN B 74 4.48 -32.52 13.65
CA ASN B 74 4.25 -31.94 14.94
C ASN B 74 3.88 -30.45 14.83
N GLY B 75 3.15 -29.98 13.83
CA GLY B 75 2.86 -28.55 13.89
C GLY B 75 3.69 -27.57 13.04
N GLY B 76 3.02 -26.80 12.15
CA GLY B 76 3.72 -25.84 11.33
C GLY B 76 3.11 -24.46 11.26
N TYR B 77 3.75 -23.65 10.42
CA TYR B 77 3.42 -22.29 10.12
C TYR B 77 2.57 -22.21 8.84
N PRO B 78 1.28 -21.73 8.73
CA PRO B 78 0.82 -21.82 7.30
C PRO B 78 1.39 -20.68 6.58
N ALA B 79 1.99 -19.72 7.36
CA ALA B 79 2.59 -18.54 6.71
C ALA B 79 3.73 -18.97 5.79
N GLU B 80 4.79 -19.50 6.39
CA GLU B 80 5.85 -19.88 5.43
C GLU B 80 5.41 -21.05 4.50
N ALA B 81 4.28 -21.64 4.79
CA ALA B 81 3.99 -22.69 3.83
C ALA B 81 3.67 -22.07 2.52
N TRP B 82 2.91 -20.90 2.56
CA TRP B 82 2.45 -20.33 1.33
C TRP B 82 3.67 -19.69 0.88
N ASN B 83 4.54 -19.32 1.92
CA ASN B 83 5.82 -18.63 1.50
C ASN B 83 6.72 -19.58 0.71
N PHE B 84 6.71 -20.86 1.17
CA PHE B 84 7.41 -21.91 0.56
C PHE B 84 6.78 -22.07 -0.79
N TRP B 85 5.41 -22.14 -0.86
CA TRP B 85 4.83 -22.23 -2.22
C TRP B 85 5.44 -21.15 -3.12
N THR B 86 5.68 -19.94 -2.59
CA THR B 86 6.15 -19.02 -3.59
C THR B 86 7.59 -19.18 -3.86
N ARG B 87 8.42 -19.13 -2.79
CA ARG B 87 9.85 -19.23 -3.07
C ARG B 87 10.25 -20.63 -3.72
N LYS B 88 9.52 -21.76 -3.52
CA LYS B 88 9.94 -22.92 -4.29
C LYS B 88 8.86 -23.75 -4.95
N GLY B 89 7.58 -23.46 -5.07
CA GLY B 89 6.78 -24.45 -5.79
C GLY B 89 6.51 -25.81 -5.13
N LEU B 90 5.70 -26.71 -5.77
CA LEU B 90 5.30 -27.93 -5.13
C LEU B 90 4.96 -28.85 -6.17
N VAL B 91 5.29 -30.13 -5.99
CA VAL B 91 4.92 -31.05 -7.05
C VAL B 91 3.48 -31.60 -6.91
N SER B 92 3.16 -32.68 -7.60
CA SER B 92 1.85 -33.25 -7.52
C SER B 92 1.84 -34.51 -6.74
N GLY B 93 1.12 -34.56 -5.57
CA GLY B 93 0.96 -35.82 -4.87
C GLY B 93 -0.49 -36.20 -4.66
N GLY B 94 -1.01 -37.27 -5.34
CA GLY B 94 -2.37 -37.70 -5.15
C GLY B 94 -2.41 -38.65 -3.97
N LEU B 95 -3.58 -38.76 -3.33
CA LEU B 95 -3.83 -39.53 -2.10
C LEU B 95 -2.85 -40.59 -1.55
N TYR B 96 -3.37 -41.64 -0.91
CA TYR B 96 -2.49 -42.67 -0.35
C TYR B 96 -2.55 -43.81 -1.27
N GLU B 97 -1.41 -44.40 -1.57
CA GLU B 97 -1.39 -45.51 -2.48
C GLU B 97 -2.33 -45.18 -3.63
N SER B 98 -2.09 -44.06 -4.32
CA SER B 98 -2.98 -43.74 -5.42
C SER B 98 -2.18 -43.67 -6.70
N HIS B 99 -0.84 -43.74 -6.59
CA HIS B 99 0.04 -43.75 -7.75
C HIS B 99 -0.29 -42.67 -8.74
N VAL B 100 -0.78 -41.56 -8.24
CA VAL B 100 -1.17 -40.42 -9.02
C VAL B 100 -0.29 -39.27 -8.67
N GLY B 101 0.59 -38.87 -9.60
CA GLY B 101 1.38 -37.69 -9.35
C GLY B 101 2.83 -38.01 -9.08
N CYS B 102 3.63 -36.95 -9.07
CA CYS B 102 5.07 -37.03 -8.77
C CYS B 102 5.34 -37.65 -7.37
N ARG B 103 4.83 -37.03 -6.33
CA ARG B 103 5.03 -37.47 -5.01
C ARG B 103 3.71 -37.67 -4.28
N PRO B 104 2.89 -38.64 -4.65
CA PRO B 104 1.61 -38.92 -3.94
C PRO B 104 1.85 -39.13 -2.37
N TYR B 105 0.83 -39.30 -1.56
CA TYR B 105 1.09 -39.16 -0.14
C TYR B 105 1.57 -40.43 0.57
N SER B 106 2.56 -40.28 1.47
CA SER B 106 3.22 -41.36 2.24
C SER B 106 2.67 -41.80 3.66
N ILE B 107 1.70 -41.12 4.28
CA ILE B 107 1.20 -41.50 5.59
C ILE B 107 -0.12 -42.21 5.36
N PRO B 108 -0.35 -43.36 5.99
CA PRO B 108 -1.59 -44.12 5.79
C PRO B 108 -2.92 -43.47 6.27
N PRO B 109 -4.04 -43.69 5.56
CA PRO B 109 -5.36 -43.12 5.96
C PRO B 109 -5.67 -43.49 7.38
N CYS B 110 -6.17 -42.63 8.27
CA CYS B 110 -6.36 -43.13 9.63
C CYS B 110 -7.70 -42.72 10.18
N GLU B 111 -7.90 -42.82 11.51
CA GLU B 111 -9.23 -42.39 12.07
C GLU B 111 -9.10 -41.60 13.40
N HIS B 112 -9.99 -40.64 13.65
CA HIS B 112 -10.03 -39.77 14.83
C HIS B 112 -11.45 -39.55 15.44
N HIS B 113 -11.74 -40.23 16.57
CA HIS B 113 -13.00 -40.18 17.31
C HIS B 113 -14.20 -40.51 16.45
N VAL B 114 -13.93 -41.19 15.33
CA VAL B 114 -14.95 -41.74 14.44
C VAL B 114 -14.71 -43.27 14.52
N ASN B 115 -15.28 -44.09 13.61
CA ASN B 115 -15.04 -45.54 13.71
C ASN B 115 -15.09 -46.10 12.29
N GLY B 116 -14.31 -47.17 11.94
CA GLY B 116 -14.38 -47.65 10.57
C GLY B 116 -13.38 -48.72 10.17
N SER B 117 -13.51 -49.18 8.91
CA SER B 117 -12.72 -50.20 8.22
C SER B 117 -11.23 -50.09 8.38
N ARG B 118 -10.73 -48.87 8.65
CA ARG B 118 -9.30 -48.73 8.65
C ARG B 118 -8.90 -48.11 10.01
N PRO B 119 -7.77 -48.51 10.56
CA PRO B 119 -7.15 -48.15 11.83
C PRO B 119 -7.31 -46.74 12.34
N PRO B 120 -7.00 -46.64 13.62
CA PRO B 120 -7.06 -45.38 14.39
C PRO B 120 -5.80 -44.54 14.21
N CYS B 121 -5.75 -43.27 14.67
CA CYS B 121 -4.54 -42.51 14.48
C CYS B 121 -3.53 -42.71 15.61
N THR B 122 -2.38 -41.99 15.58
CA THR B 122 -1.33 -42.31 16.56
C THR B 122 -0.39 -41.15 16.90
N GLY B 123 -0.78 -40.28 17.82
CA GLY B 123 0.09 -39.14 18.13
C GLY B 123 0.34 -38.33 16.87
N GLU B 124 1.48 -37.68 16.80
CA GLU B 124 1.76 -36.91 15.64
C GLU B 124 2.48 -37.88 14.76
N GLY B 125 3.76 -38.24 14.92
CA GLY B 125 4.29 -39.24 13.99
C GLY B 125 5.66 -38.76 13.60
N ASP B 126 6.22 -39.30 12.51
CA ASP B 126 7.55 -38.90 12.15
C ASP B 126 7.47 -38.12 10.90
N THR B 127 8.32 -37.09 10.77
CA THR B 127 8.24 -36.38 9.50
C THR B 127 8.97 -37.15 8.42
N PRO B 128 8.33 -37.53 7.30
CA PRO B 128 9.14 -38.27 6.29
C PRO B 128 10.35 -37.47 5.75
N LYS B 129 11.17 -38.10 4.92
CA LYS B 129 12.35 -37.49 4.37
C LYS B 129 12.02 -36.56 3.20
N CYS B 130 12.77 -35.45 3.07
CA CYS B 130 12.43 -34.67 1.87
C CYS B 130 13.10 -35.39 0.68
N SER B 131 12.32 -35.98 -0.24
CA SER B 131 12.85 -36.69 -1.35
C SER B 131 12.41 -36.06 -2.61
N LYS B 132 13.29 -35.24 -3.15
CA LYS B 132 13.11 -34.48 -4.34
C LYS B 132 13.04 -35.48 -5.58
N ILE B 133 12.19 -36.56 -5.47
CA ILE B 133 12.18 -37.35 -6.75
C ILE B 133 10.74 -37.85 -7.25
N CYS B 134 10.51 -37.86 -8.50
CA CYS B 134 9.18 -38.27 -8.92
C CYS B 134 8.94 -39.75 -8.67
N GLU B 135 7.71 -40.18 -8.75
CA GLU B 135 7.37 -41.57 -8.56
C GLU B 135 7.48 -42.25 -9.92
N PRO B 136 7.53 -43.55 -9.97
CA PRO B 136 7.63 -44.25 -11.24
C PRO B 136 6.40 -44.18 -12.09
N GLY B 137 6.62 -44.43 -13.38
CA GLY B 137 5.49 -44.29 -14.29
C GLY B 137 4.90 -42.90 -14.15
N TYR B 138 5.71 -41.85 -13.99
CA TYR B 138 5.26 -40.47 -13.95
C TYR B 138 6.15 -39.86 -15.03
N SER B 139 5.74 -38.76 -15.71
CA SER B 139 6.64 -38.33 -16.77
C SER B 139 7.46 -37.11 -16.47
N PRO B 140 6.82 -35.95 -16.16
CA PRO B 140 7.66 -34.81 -15.88
C PRO B 140 8.55 -35.17 -14.73
N THR B 141 9.69 -34.47 -14.62
CA THR B 141 10.69 -34.69 -13.57
C THR B 141 10.42 -33.92 -12.35
N TYR B 142 11.27 -33.94 -11.39
CA TYR B 142 10.76 -33.29 -10.16
C TYR B 142 10.98 -31.86 -10.28
N LYS B 143 11.93 -31.55 -11.10
CA LYS B 143 12.27 -30.14 -11.01
C LYS B 143 11.23 -29.42 -11.84
N GLN B 144 10.92 -30.08 -12.91
CA GLN B 144 10.04 -29.60 -13.91
C GLN B 144 8.66 -29.94 -13.51
N ASP B 145 8.37 -30.08 -12.21
CA ASP B 145 6.98 -30.32 -11.86
C ASP B 145 6.64 -29.33 -10.79
N LYS B 146 7.58 -28.47 -10.46
CA LYS B 146 7.12 -27.56 -9.43
C LYS B 146 6.11 -26.50 -10.09
N HIS B 147 4.95 -26.27 -9.54
CA HIS B 147 4.21 -25.12 -10.13
C HIS B 147 4.67 -23.97 -9.28
N TYR B 148 4.85 -22.71 -9.80
CA TYR B 148 5.33 -21.83 -8.66
C TYR B 148 4.27 -20.88 -8.04
N GLY B 149 4.40 -20.61 -6.73
CA GLY B 149 3.49 -19.64 -6.10
C GLY B 149 3.81 -18.21 -6.57
N TYR B 150 2.88 -17.25 -6.40
CA TYR B 150 3.20 -15.89 -6.92
C TYR B 150 3.31 -14.99 -5.81
N ASN B 151 2.39 -15.04 -4.84
CA ASN B 151 2.61 -14.09 -3.78
C ASN B 151 2.11 -14.55 -2.49
N SER B 152 2.79 -14.31 -1.39
CA SER B 152 2.09 -14.77 -0.17
C SER B 152 1.44 -13.60 0.57
N TYR B 153 0.45 -13.84 1.43
CA TYR B 153 -0.18 -12.72 2.24
C TYR B 153 -1.40 -13.15 3.17
N SER B 154 -1.69 -12.31 4.20
CA SER B 154 -2.75 -12.57 5.20
C SER B 154 -3.91 -11.59 5.12
N VAL B 155 -5.15 -12.10 5.22
CA VAL B 155 -6.31 -11.22 5.23
C VAL B 155 -6.29 -10.45 6.57
N SER B 156 -7.11 -9.39 6.77
CA SER B 156 -6.85 -8.59 7.97
C SER B 156 -7.79 -8.72 9.12
N ASN B 157 -8.14 -9.94 9.55
CA ASN B 157 -9.08 -10.01 10.66
C ASN B 157 -10.36 -9.23 10.35
N SER B 158 -10.97 -9.42 9.18
CA SER B 158 -12.18 -8.65 8.90
C SER B 158 -13.10 -9.59 8.21
N GLU B 159 -14.37 -9.64 8.61
CA GLU B 159 -15.21 -10.61 7.93
C GLU B 159 -15.36 -10.18 6.49
N LYS B 160 -15.13 -8.88 6.21
CA LYS B 160 -15.40 -8.46 4.83
C LYS B 160 -14.26 -8.76 3.85
N ASP B 161 -13.03 -8.60 4.31
CA ASP B 161 -11.91 -8.92 3.44
C ASP B 161 -11.85 -10.44 3.21
N ILE B 162 -12.00 -11.28 4.27
CA ILE B 162 -11.93 -12.75 4.06
C ILE B 162 -12.83 -13.17 2.89
N MET B 163 -14.11 -12.88 3.01
CA MET B 163 -15.14 -13.19 2.01
C MET B 163 -14.88 -12.63 0.62
N ALA B 164 -14.74 -11.27 0.47
CA ALA B 164 -14.45 -10.72 -0.85
C ALA B 164 -13.32 -11.57 -1.42
N GLU B 165 -12.24 -11.77 -0.64
CA GLU B 165 -11.07 -12.58 -1.06
C GLU B 165 -11.47 -13.96 -1.64
N ILE B 166 -12.08 -14.83 -0.82
CA ILE B 166 -12.54 -16.14 -1.26
C ILE B 166 -13.34 -16.03 -2.55
N TYR B 167 -14.26 -15.07 -2.56
CA TYR B 167 -15.12 -14.75 -3.73
C TYR B 167 -14.27 -14.21 -4.87
N LYS B 168 -13.25 -13.35 -4.60
CA LYS B 168 -12.52 -12.91 -5.78
C LYS B 168 -11.47 -13.91 -6.29
N ASN B 169 -10.68 -14.58 -5.41
CA ASN B 169 -9.61 -15.45 -5.89
C ASN B 169 -9.78 -16.99 -5.60
N GLY B 170 -10.24 -17.47 -4.40
CA GLY B 170 -10.45 -18.90 -4.21
C GLY B 170 -10.57 -19.32 -2.75
N PRO B 171 -10.67 -20.67 -2.44
CA PRO B 171 -10.79 -21.01 -1.05
C PRO B 171 -9.56 -20.48 -0.37
N VAL B 172 -9.59 -20.33 0.91
CA VAL B 172 -8.40 -19.77 1.55
C VAL B 172 -7.96 -20.68 2.63
N GLU B 173 -6.81 -20.39 3.18
CA GLU B 173 -6.39 -21.26 4.29
C GLU B 173 -6.54 -20.56 5.63
N GLY B 174 -6.99 -21.29 6.65
CA GLY B 174 -7.18 -20.67 7.97
C GLY B 174 -6.80 -21.48 9.21
N ALA B 175 -6.53 -20.81 10.33
CA ALA B 175 -6.15 -21.44 11.59
C ALA B 175 -7.25 -21.27 12.64
N PHE B 176 -7.04 -21.64 13.93
CA PHE B 176 -8.03 -21.39 15.00
C PHE B 176 -7.71 -22.19 16.25
N SER B 177 -8.61 -22.17 17.30
CA SER B 177 -8.35 -22.93 18.54
C SER B 177 -9.19 -24.21 18.59
N VAL B 178 -8.61 -25.34 19.06
CA VAL B 178 -9.32 -26.65 19.05
C VAL B 178 -9.90 -27.13 20.35
N TYR B 179 -11.13 -27.64 20.33
CA TYR B 179 -11.70 -28.01 21.62
C TYR B 179 -12.43 -29.27 21.48
N SER B 180 -12.44 -30.07 22.55
CA SER B 180 -13.09 -31.36 22.64
C SER B 180 -14.49 -31.52 21.95
N ASP B 181 -15.49 -30.64 22.20
CA ASP B 181 -16.77 -30.81 21.53
C ASP B 181 -16.64 -30.61 20.03
N PHE B 182 -15.40 -30.46 19.52
CA PHE B 182 -15.21 -30.26 18.12
C PHE B 182 -15.14 -31.63 17.56
N LEU B 183 -14.09 -32.41 17.86
CA LEU B 183 -13.90 -33.76 17.37
C LEU B 183 -15.23 -34.54 17.35
N LEU B 184 -16.25 -34.08 18.08
CA LEU B 184 -17.54 -34.76 18.00
C LEU B 184 -18.54 -34.19 16.96
N TYR B 185 -18.16 -33.15 16.19
CA TYR B 185 -19.01 -32.55 15.17
C TYR B 185 -19.51 -33.60 14.13
N LYS B 186 -20.69 -33.32 13.48
CA LYS B 186 -21.37 -34.15 12.49
C LYS B 186 -22.29 -33.28 11.60
N SER B 187 -22.85 -32.18 12.16
CA SER B 187 -23.78 -31.32 11.43
C SER B 187 -24.08 -29.96 12.14
N GLY B 188 -24.73 -29.00 11.42
CA GLY B 188 -25.03 -27.69 12.01
C GLY B 188 -23.88 -26.68 12.00
N VAL B 189 -23.81 -25.82 13.03
CA VAL B 189 -22.80 -24.78 13.13
C VAL B 189 -21.94 -24.93 14.38
N TYR B 190 -20.63 -25.12 14.23
CA TYR B 190 -19.83 -25.22 15.44
C TYR B 190 -19.86 -23.93 16.27
N GLN B 191 -19.90 -24.07 17.60
CA GLN B 191 -19.92 -23.01 18.59
C GLN B 191 -19.41 -23.66 19.91
N HIS B 192 -18.09 -23.68 20.16
CA HIS B 192 -17.49 -24.28 21.40
C HIS B 192 -18.25 -23.96 22.70
N VAL B 193 -18.62 -25.00 23.50
CA VAL B 193 -19.32 -24.81 24.78
C VAL B 193 -18.75 -25.74 25.85
N THR B 194 -18.29 -26.94 25.47
CA THR B 194 -17.76 -27.80 26.51
C THR B 194 -16.56 -28.48 25.94
N GLY B 195 -15.40 -28.40 26.57
CA GLY B 195 -14.30 -29.14 26.00
C GLY B 195 -12.97 -28.51 26.29
N GLU B 196 -11.97 -29.36 26.56
CA GLU B 196 -10.63 -28.79 26.73
C GLU B 196 -10.02 -28.21 25.41
N MET B 197 -9.07 -27.25 25.56
CA MET B 197 -8.31 -26.61 24.49
C MET B 197 -7.26 -27.59 23.93
N MET B 198 -7.31 -27.96 22.66
CA MET B 198 -6.34 -28.91 22.17
C MET B 198 -5.31 -28.17 21.35
N GLY B 199 -4.78 -27.09 21.95
CA GLY B 199 -3.83 -26.25 21.25
C GLY B 199 -4.50 -25.73 19.98
N GLY B 200 -3.80 -24.93 19.19
CA GLY B 200 -4.39 -24.45 17.95
C GLY B 200 -3.88 -25.21 16.73
N HIS B 201 -4.83 -25.55 15.80
CA HIS B 201 -4.44 -26.25 14.57
C HIS B 201 -5.17 -25.60 13.40
N ALA B 202 -4.72 -25.88 12.15
CA ALA B 202 -5.27 -25.24 10.97
C ALA B 202 -6.09 -26.08 10.02
N ILE B 203 -6.90 -25.41 9.21
CA ILE B 203 -7.79 -26.02 8.21
C ILE B 203 -7.88 -25.20 6.92
N ARG B 204 -8.75 -25.62 5.98
CA ARG B 204 -9.06 -24.89 4.72
C ARG B 204 -10.45 -24.30 4.87
N ILE B 205 -10.67 -23.08 4.36
CA ILE B 205 -11.95 -22.32 4.40
C ILE B 205 -12.45 -21.96 2.97
N LEU B 206 -13.43 -22.69 2.45
CA LEU B 206 -13.92 -22.48 1.07
C LEU B 206 -15.32 -21.84 0.73
N GLY B 207 -15.87 -20.93 1.50
CA GLY B 207 -17.18 -20.39 1.17
C GLY B 207 -17.84 -19.91 2.42
N TRP B 208 -19.15 -19.65 2.40
CA TRP B 208 -19.65 -19.21 3.68
C TRP B 208 -21.10 -19.17 3.61
N GLY B 209 -21.73 -18.72 4.65
CA GLY B 209 -23.16 -18.62 4.50
C GLY B 209 -23.96 -18.56 5.76
N VAL B 210 -25.25 -18.83 5.58
CA VAL B 210 -26.07 -18.75 6.78
C VAL B 210 -26.98 -19.97 6.86
N GLU B 211 -27.55 -20.24 8.03
CA GLU B 211 -28.43 -21.41 8.08
C GLU B 211 -29.49 -21.23 9.12
N ASN B 212 -30.81 -21.13 8.73
CA ASN B 212 -31.77 -21.04 9.82
C ASN B 212 -31.53 -19.77 10.64
N GLY B 213 -30.82 -18.79 10.07
CA GLY B 213 -30.60 -17.54 10.78
C GLY B 213 -29.20 -17.42 11.32
N THR B 214 -28.77 -18.44 12.04
CA THR B 214 -27.41 -18.38 12.65
C THR B 214 -26.26 -18.46 11.60
N PRO B 215 -25.39 -17.42 11.52
CA PRO B 215 -24.27 -17.30 10.58
C PRO B 215 -23.01 -18.15 10.77
N TYR B 216 -22.30 -18.29 9.66
CA TYR B 216 -21.16 -19.19 9.66
C TYR B 216 -20.22 -19.14 8.49
N TRP B 217 -19.11 -19.86 8.67
CA TRP B 217 -18.05 -19.99 7.65
C TRP B 217 -18.04 -21.43 7.10
N LEU B 218 -18.06 -21.64 5.77
CA LEU B 218 -18.00 -23.02 5.26
C LEU B 218 -16.52 -23.50 5.25
N VAL B 219 -16.15 -24.46 6.14
CA VAL B 219 -14.76 -24.93 6.31
C VAL B 219 -14.42 -26.44 6.00
N ALA B 220 -13.18 -26.71 5.46
CA ALA B 220 -12.83 -28.12 5.17
C ALA B 220 -11.83 -28.77 6.18
N ASN B 221 -11.96 -30.14 6.47
CA ASN B 221 -10.92 -30.67 7.31
C ASN B 221 -9.93 -31.52 6.58
N SER B 222 -8.93 -31.91 7.37
CA SER B 222 -7.89 -32.83 6.88
C SER B 222 -8.13 -34.18 7.56
N TRP B 223 -9.43 -34.44 7.97
CA TRP B 223 -9.79 -35.62 8.67
C TRP B 223 -10.62 -36.67 7.91
N ASN B 224 -10.49 -36.74 6.59
CA ASN B 224 -11.17 -37.77 5.83
C ASN B 224 -12.60 -37.53 5.67
N THR B 225 -13.12 -38.25 4.72
CA THR B 225 -14.51 -38.19 4.30
C THR B 225 -15.53 -38.74 5.28
N ASP B 226 -15.17 -39.33 6.42
CA ASP B 226 -16.29 -39.74 7.25
C ASP B 226 -16.34 -38.79 8.40
N TRP B 227 -15.20 -38.46 9.04
CA TRP B 227 -15.28 -37.47 10.10
C TRP B 227 -16.25 -36.32 9.76
N GLY B 228 -16.97 -35.83 10.76
CA GLY B 228 -17.94 -34.73 10.54
C GLY B 228 -19.05 -34.93 9.52
N ASP B 229 -19.51 -33.83 8.85
CA ASP B 229 -20.53 -33.91 7.81
C ASP B 229 -19.81 -34.35 6.56
N ASN B 230 -19.08 -35.44 6.69
CA ASN B 230 -18.27 -36.14 5.69
C ASN B 230 -17.22 -35.26 5.04
N GLY B 231 -16.44 -34.56 5.86
CA GLY B 231 -15.36 -33.76 5.31
C GLY B 231 -15.49 -32.29 5.62
N PHE B 232 -16.72 -31.77 5.59
CA PHE B 232 -16.84 -30.35 5.85
C PHE B 232 -17.44 -30.05 7.24
N PHE B 233 -17.42 -28.76 7.64
CA PHE B 233 -18.07 -28.31 8.89
C PHE B 233 -18.38 -26.81 8.85
N LYS B 234 -19.55 -26.40 9.41
CA LYS B 234 -19.92 -24.98 9.43
C LYS B 234 -19.51 -24.46 10.79
N ILE B 235 -19.08 -23.20 10.86
CA ILE B 235 -18.60 -22.61 12.14
C ILE B 235 -18.96 -21.10 12.28
N LEU B 236 -18.89 -20.51 13.51
CA LEU B 236 -19.34 -19.14 13.73
C LEU B 236 -18.56 -17.99 13.10
N ARG B 237 -19.11 -17.51 11.99
CA ARG B 237 -18.65 -16.35 11.20
C ARG B 237 -19.19 -14.94 11.70
N GLY B 238 -18.30 -13.89 11.88
CA GLY B 238 -18.80 -12.55 12.22
C GLY B 238 -18.30 -12.20 13.58
N GLN B 239 -18.09 -13.23 14.37
CA GLN B 239 -17.50 -12.97 15.68
C GLN B 239 -16.08 -13.59 15.71
N ASP B 240 -15.56 -14.28 14.63
CA ASP B 240 -14.22 -14.83 14.83
C ASP B 240 -14.37 -15.79 16.02
N HIS B 241 -15.32 -16.71 15.93
CA HIS B 241 -15.43 -17.58 17.05
C HIS B 241 -14.16 -18.40 17.16
N CYS B 242 -13.42 -18.27 18.28
CA CYS B 242 -12.27 -19.21 18.42
C CYS B 242 -10.98 -18.89 17.54
N GLY B 243 -10.74 -17.64 17.07
CA GLY B 243 -9.56 -17.35 16.25
C GLY B 243 -9.75 -17.74 14.79
N ILE B 244 -10.98 -18.16 14.39
CA ILE B 244 -11.28 -18.63 13.02
C ILE B 244 -11.06 -17.51 12.04
N GLU B 245 -10.85 -16.32 12.55
CA GLU B 245 -10.64 -15.18 11.68
C GLU B 245 -9.33 -14.44 11.96
N SER B 246 -8.60 -14.70 13.08
CA SER B 246 -7.35 -13.97 13.26
C SER B 246 -6.21 -14.36 12.30
N GLU B 247 -6.17 -15.61 11.76
CA GLU B 247 -5.04 -16.00 10.92
C GLU B 247 -5.50 -16.71 9.69
N VAL B 248 -5.52 -15.97 8.62
CA VAL B 248 -5.89 -16.43 7.27
C VAL B 248 -4.78 -16.06 6.29
N VAL B 249 -4.67 -16.76 5.16
CA VAL B 249 -3.60 -16.49 4.22
C VAL B 249 -4.03 -17.00 2.87
N ALA B 250 -3.36 -16.47 1.87
CA ALA B 250 -3.74 -16.77 0.47
C ALA B 250 -2.74 -16.26 -0.62
N GLY B 251 -2.99 -16.62 -1.88
CA GLY B 251 -1.98 -16.15 -2.82
C GLY B 251 -2.29 -16.44 -4.24
N ILE B 252 -1.50 -15.85 -5.14
CA ILE B 252 -1.91 -15.99 -6.55
C ILE B 252 -1.04 -16.91 -7.39
N PRO B 253 -1.58 -17.44 -8.44
CA PRO B 253 -0.72 -18.33 -9.24
C PRO B 253 0.12 -17.59 -10.22
N ARG B 254 1.31 -18.13 -10.61
CA ARG B 254 2.18 -17.42 -11.48
C ARG B 254 1.38 -17.16 -12.76
N THR B 255 1.17 -18.11 -13.59
CA THR B 255 0.32 -17.94 -14.80
C THR B 255 0.90 -18.99 -15.51
N ASP B 256 2.03 -18.84 -16.19
CA ASP B 256 2.72 -20.01 -16.80
C ASP B 256 2.68 -21.44 -16.08
N HIS C 9 -17.25 37.20 -27.49
CA HIS C 9 -16.79 36.18 -26.56
C HIS C 9 -15.34 36.46 -26.19
N HIS C 10 -14.71 37.41 -26.90
CA HIS C 10 -13.33 37.74 -26.59
C HIS C 10 -13.15 38.25 -25.16
N GLY C 11 -14.21 38.64 -24.44
CA GLY C 11 -13.99 39.12 -23.09
C GLY C 11 -13.31 38.02 -22.32
N SER C 12 -14.15 37.11 -21.87
CA SER C 12 -13.68 35.96 -21.13
C SER C 12 -12.54 35.29 -21.90
N ASP C 13 -12.60 35.31 -23.24
CA ASP C 13 -11.53 34.62 -23.98
C ASP C 13 -10.18 35.30 -23.92
N LEU C 14 -10.10 36.55 -24.34
CA LEU C 14 -8.86 37.34 -24.30
C LEU C 14 -8.34 37.28 -22.84
N GLY C 15 -9.28 37.58 -21.90
CA GLY C 15 -8.91 37.47 -20.50
C GLY C 15 -8.24 36.12 -20.29
N LYS C 16 -8.90 35.01 -20.61
CA LYS C 16 -8.18 33.77 -20.40
C LYS C 16 -6.89 33.77 -21.23
N LYS C 17 -6.92 34.15 -22.49
CA LYS C 17 -5.69 34.14 -23.29
C LYS C 17 -4.48 34.83 -22.57
N LEU C 18 -4.71 35.97 -21.91
CA LEU C 18 -3.65 36.72 -21.20
C LEU C 18 -3.26 35.96 -19.95
N LEU C 19 -4.25 35.47 -19.26
CA LEU C 19 -4.01 34.67 -18.04
C LEU C 19 -3.03 33.49 -18.29
N ASP C 20 -3.17 32.81 -19.45
CA ASP C 20 -2.36 31.69 -19.89
C ASP C 20 -0.98 32.23 -20.27
N ALA C 21 -0.94 33.30 -21.08
CA ALA C 21 0.36 33.86 -21.42
C ALA C 21 1.08 34.27 -20.12
N ALA C 22 0.49 35.15 -19.25
CA ALA C 22 1.16 35.52 -18.01
C ALA C 22 1.57 34.28 -17.22
N SER C 23 0.67 33.28 -17.14
CA SER C 23 1.01 32.10 -16.35
C SER C 23 2.12 31.33 -17.02
N ALA C 24 2.16 31.36 -18.36
CA ALA C 24 3.21 30.62 -19.04
C ALA C 24 4.33 31.60 -19.22
N GLY C 25 4.09 32.83 -18.83
CA GLY C 25 5.12 33.85 -18.99
C GLY C 25 5.63 33.90 -20.42
N GLN C 26 4.73 34.23 -21.37
CA GLN C 26 5.03 34.28 -22.81
C GLN C 26 5.05 35.77 -23.22
N ASP C 27 6.05 36.48 -22.66
CA ASP C 27 6.30 37.90 -22.87
C ASP C 27 5.76 38.46 -24.19
N ASP C 28 6.10 37.87 -25.34
CA ASP C 28 5.66 38.46 -26.62
C ASP C 28 4.15 38.38 -26.78
N GLU C 29 3.56 37.25 -26.38
CA GLU C 29 2.11 37.14 -26.53
C GLU C 29 1.46 37.96 -25.47
N VAL C 30 2.28 38.36 -24.47
CA VAL C 30 1.76 39.23 -23.42
C VAL C 30 1.67 40.57 -24.08
N ARG C 31 2.86 41.05 -24.49
CA ARG C 31 3.02 42.28 -25.22
C ARG C 31 1.83 42.48 -26.19
N ILE C 32 1.56 41.49 -27.11
CA ILE C 32 0.45 41.69 -28.06
C ILE C 32 -0.91 41.83 -27.43
N LEU C 33 -1.42 40.77 -26.87
CA LEU C 33 -2.72 40.77 -26.21
C LEU C 33 -3.06 42.04 -25.45
N ILE C 34 -2.14 42.61 -24.68
CA ILE C 34 -2.50 43.79 -23.92
C ILE C 34 -2.55 44.97 -24.84
N ALA C 35 -1.49 45.16 -25.65
CA ALA C 35 -1.52 46.27 -26.58
C ALA C 35 -2.86 46.28 -27.35
N ASN C 36 -3.37 45.10 -27.79
CA ASN C 36 -4.62 45.11 -28.51
C ASN C 36 -5.69 45.41 -27.50
N GLY C 37 -5.42 45.16 -26.20
CA GLY C 37 -6.42 45.50 -25.20
C GLY C 37 -7.04 44.40 -24.35
N ALA C 38 -6.25 43.32 -24.01
CA ALA C 38 -6.82 42.27 -23.19
C ALA C 38 -7.09 42.99 -21.92
N ASP C 39 -8.05 42.53 -21.13
CA ASP C 39 -8.37 43.31 -19.97
C ASP C 39 -7.21 43.63 -19.01
N VAL C 40 -6.22 42.75 -18.66
CA VAL C 40 -5.21 43.21 -17.66
C VAL C 40 -6.05 43.77 -16.49
N ASN C 41 -6.41 42.94 -15.55
CA ASN C 41 -7.39 43.36 -14.50
C ASN C 41 -8.50 42.45 -14.97
N ALA C 42 -8.25 41.23 -15.18
CA ALA C 42 -9.27 40.36 -15.62
C ALA C 42 -9.40 39.47 -14.48
N SER C 43 -10.42 38.67 -14.40
CA SER C 43 -10.49 37.89 -13.20
C SER C 43 -11.19 36.65 -13.43
N ASP C 44 -10.62 35.53 -13.03
CA ASP C 44 -11.26 34.27 -13.22
C ASP C 44 -11.90 33.93 -11.98
N THR C 45 -12.50 32.78 -11.92
CA THR C 45 -13.10 32.29 -10.69
C THR C 45 -11.96 32.39 -9.64
N TYR C 46 -12.17 32.24 -8.37
CA TYR C 46 -11.05 32.34 -7.45
C TYR C 46 -10.62 33.73 -7.22
N GLY C 47 -10.40 34.52 -8.20
CA GLY C 47 -10.03 35.89 -7.93
C GLY C 47 -8.63 36.27 -8.25
N ARG C 48 -8.05 35.53 -9.16
CA ARG C 48 -6.72 35.70 -9.62
C ARG C 48 -6.56 36.59 -10.87
N THR C 49 -5.62 37.51 -10.87
CA THR C 49 -5.35 38.37 -12.00
C THR C 49 -4.06 37.97 -12.65
N PRO C 50 -3.70 38.54 -13.76
CA PRO C 50 -2.46 38.18 -14.39
C PRO C 50 -1.35 38.61 -13.48
N LEU C 51 -1.37 39.79 -13.04
CA LEU C 51 -0.34 40.27 -12.17
C LEU C 51 -0.14 39.32 -11.05
N HIS C 52 -1.12 38.52 -10.71
CA HIS C 52 -0.92 37.53 -9.67
C HIS C 52 -0.08 36.47 -10.31
N ALA C 53 -0.45 36.01 -11.46
CA ALA C 53 0.32 34.96 -12.18
C ALA C 53 1.82 35.32 -12.47
N ALA C 54 2.06 36.55 -12.97
CA ALA C 54 3.30 37.13 -13.41
C ALA C 54 4.14 37.41 -12.19
N ALA C 55 3.48 37.53 -11.04
CA ALA C 55 4.32 37.70 -9.86
C ALA C 55 4.98 36.38 -9.57
N TRP C 56 5.38 35.65 -10.62
CA TRP C 56 6.06 34.44 -10.30
C TRP C 56 7.46 34.78 -10.78
N GLY C 57 7.84 34.49 -12.00
CA GLY C 57 9.19 34.85 -12.40
C GLY C 57 9.24 35.49 -13.77
N HIS C 58 8.57 36.64 -13.93
CA HIS C 58 8.50 37.31 -15.24
C HIS C 58 8.45 38.86 -15.01
N LEU C 59 9.57 39.57 -15.26
CA LEU C 59 9.58 40.94 -14.79
C LEU C 59 9.09 41.94 -15.75
N GLU C 60 9.27 41.67 -17.01
CA GLU C 60 8.77 42.53 -18.04
C GLU C 60 7.25 42.38 -17.98
N ILE C 61 6.69 41.12 -17.89
CA ILE C 61 5.24 41.03 -17.84
C ILE C 61 4.73 41.69 -16.62
N VAL C 62 5.39 41.55 -15.47
CA VAL C 62 4.90 42.33 -14.31
C VAL C 62 4.94 43.93 -14.64
N ASP C 63 6.02 44.42 -15.40
CA ASP C 63 6.17 45.85 -15.72
C ASP C 63 4.95 46.47 -16.62
N VAL C 64 4.74 45.84 -17.80
CA VAL C 64 3.79 46.06 -18.77
C VAL C 64 2.48 45.87 -18.08
N LEU C 65 2.25 44.66 -17.37
CA LEU C 65 0.90 44.67 -16.77
C LEU C 65 0.63 45.98 -15.89
N LEU C 66 1.55 46.40 -14.98
CA LEU C 66 1.26 47.60 -14.18
C LEU C 66 1.05 48.91 -15.06
N ALA C 67 1.88 49.07 -16.06
CA ALA C 67 1.83 50.20 -17.02
C ALA C 67 0.56 50.24 -17.89
N TYR C 68 -0.32 49.20 -17.84
CA TYR C 68 -1.60 49.37 -18.50
C TYR C 68 -2.67 49.37 -17.41
N GLY C 69 -2.28 49.64 -16.16
CA GLY C 69 -3.23 49.87 -15.06
C GLY C 69 -3.92 48.75 -14.34
N ALA C 70 -3.24 47.59 -14.27
CA ALA C 70 -3.71 46.41 -13.54
C ALA C 70 -3.90 46.72 -12.05
N ASP C 71 -5.08 46.31 -11.43
CA ASP C 71 -5.12 46.75 -10.04
C ASP C 71 -3.92 46.24 -9.29
N VAL C 72 -2.93 47.11 -8.91
CA VAL C 72 -1.76 46.60 -8.13
C VAL C 72 -2.09 45.87 -6.76
N ASN C 73 -3.37 45.72 -6.41
CA ASN C 73 -3.66 45.18 -5.10
C ASN C 73 -4.90 44.40 -5.16
N ALA C 74 -5.12 43.76 -6.28
CA ALA C 74 -6.28 42.86 -6.32
C ALA C 74 -6.10 41.72 -5.23
N SER C 75 -7.20 41.18 -4.64
CA SER C 75 -7.15 40.11 -3.66
C SER C 75 -8.06 38.97 -4.23
N ASP C 76 -7.89 37.70 -3.78
CA ASP C 76 -8.64 36.52 -4.27
C ASP C 76 -9.47 35.78 -3.26
N LYS C 77 -10.14 34.61 -3.67
CA LYS C 77 -10.95 33.75 -2.79
C LYS C 77 -10.28 33.92 -1.43
N TRP C 78 -8.95 33.65 -1.40
CA TRP C 78 -8.09 33.75 -0.24
C TRP C 78 -7.87 35.17 0.40
N GLY C 79 -7.19 36.09 -0.27
CA GLY C 79 -6.95 37.43 0.26
C GLY C 79 -5.59 37.94 -0.15
N TYR C 80 -4.85 37.12 -0.87
CA TYR C 80 -3.54 37.49 -1.30
C TYR C 80 -3.63 38.45 -2.48
N THR C 81 -2.63 39.27 -2.60
CA THR C 81 -2.40 40.23 -3.64
C THR C 81 -1.14 39.74 -4.38
N PRO C 82 -0.81 40.26 -5.57
CA PRO C 82 0.39 39.79 -6.23
C PRO C 82 1.58 39.95 -5.27
N LEU C 83 1.69 41.09 -4.49
CA LEU C 83 2.80 41.33 -3.57
C LEU C 83 2.86 40.17 -2.64
N HIS C 84 1.67 39.55 -2.25
CA HIS C 84 1.84 38.39 -1.36
C HIS C 84 2.64 37.32 -2.06
N LEU C 85 2.02 36.65 -3.02
CA LEU C 85 2.68 35.66 -3.77
C LEU C 85 4.13 35.97 -4.03
N ALA C 86 4.43 37.18 -4.47
CA ALA C 86 5.85 37.45 -4.76
C ALA C 86 6.68 37.23 -3.54
N ALA C 87 6.26 37.85 -2.42
CA ALA C 87 7.04 37.63 -1.17
C ALA C 87 7.29 36.13 -0.96
N ASN C 88 6.22 35.32 -0.93
CA ASN C 88 6.34 33.87 -0.80
C ASN C 88 7.44 33.32 -1.73
N GLU C 89 7.27 33.50 -3.04
CA GLU C 89 8.24 33.01 -4.01
C GLU C 89 9.59 33.53 -3.76
N GLY C 90 9.75 34.79 -3.73
CA GLY C 90 11.05 35.43 -3.59
C GLY C 90 11.02 36.48 -4.67
N HIS C 91 12.03 36.57 -5.52
CA HIS C 91 11.94 37.56 -6.58
C HIS C 91 11.91 39.00 -6.06
N LEU C 92 13.05 39.36 -5.52
CA LEU C 92 13.32 40.64 -4.94
C LEU C 92 13.03 41.67 -5.90
N GLU C 93 13.41 41.44 -7.17
CA GLU C 93 13.24 42.47 -8.23
C GLU C 93 11.78 42.69 -8.47
N ILE C 94 10.98 41.61 -8.52
CA ILE C 94 9.58 41.88 -8.77
C ILE C 94 9.02 42.60 -7.59
N VAL C 95 9.25 42.13 -6.47
CA VAL C 95 8.63 42.84 -5.35
C VAL C 95 9.12 44.37 -5.25
N GLU C 96 10.35 44.69 -5.53
CA GLU C 96 10.69 46.11 -5.46
C GLU C 96 9.68 46.87 -6.42
N VAL C 97 9.42 46.31 -7.64
CA VAL C 97 8.53 46.92 -8.62
C VAL C 97 7.11 46.89 -8.15
N LEU C 98 6.74 45.87 -7.43
CA LEU C 98 5.40 45.92 -6.90
C LEU C 98 5.30 47.09 -5.88
N LEU C 99 6.22 47.19 -4.89
CA LEU C 99 6.09 48.21 -3.88
C LEU C 99 6.03 49.56 -4.55
N ALA C 100 6.87 49.76 -5.55
CA ALA C 100 6.97 51.10 -6.17
C ALA C 100 5.77 51.47 -6.99
N ASN C 101 4.99 50.51 -7.39
CA ASN C 101 3.79 50.88 -8.13
C ASN C 101 2.63 50.99 -7.14
N GLY C 102 2.94 51.15 -5.82
CA GLY C 102 1.88 51.22 -4.81
C GLY C 102 1.35 49.88 -4.29
N ALA C 103 2.23 48.93 -3.88
CA ALA C 103 1.66 47.70 -3.34
C ALA C 103 1.36 48.04 -1.92
N ASP C 104 0.34 47.48 -1.28
CA ASP C 104 0.20 47.77 0.16
C ASP C 104 1.20 46.89 0.91
N VAL C 105 2.01 47.45 1.79
CA VAL C 105 2.93 46.51 2.41
C VAL C 105 2.25 45.61 3.42
N ASN C 106 1.06 45.98 3.82
CA ASN C 106 0.29 45.25 4.84
C ASN C 106 -1.00 44.72 4.26
N ALA C 107 -1.02 44.55 2.92
CA ALA C 107 -2.13 43.92 2.24
C ALA C 107 -2.45 42.69 3.11
N SER C 108 -3.63 42.62 3.71
CA SER C 108 -3.89 41.47 4.58
C SER C 108 -4.80 40.42 3.91
N SER C 109 -5.10 39.30 4.58
CA SER C 109 -5.90 38.22 3.95
C SER C 109 -6.86 37.54 4.94
N GLN C 110 -7.69 36.51 4.54
CA GLN C 110 -8.58 35.98 5.60
C GLN C 110 -7.86 35.41 6.80
N ARG C 111 -6.59 35.20 6.68
CA ARG C 111 -5.82 34.76 7.83
C ARG C 111 -5.17 35.92 8.60
N GLY C 112 -4.93 37.07 7.94
CA GLY C 112 -4.33 38.20 8.64
C GLY C 112 -2.88 38.15 8.25
N GLN C 113 -2.69 37.53 7.10
CA GLN C 113 -1.38 37.30 6.52
C GLN C 113 -0.95 38.51 5.63
N THR C 114 0.20 39.12 5.95
CA THR C 114 0.83 40.24 5.26
C THR C 114 2.02 39.70 4.47
N PRO C 115 2.64 40.47 3.58
CA PRO C 115 3.80 39.96 2.85
C PRO C 115 4.92 39.75 3.91
N LEU C 116 5.05 40.64 4.96
CA LEU C 116 6.02 40.28 5.98
C LEU C 116 5.72 38.84 6.56
N HIS C 117 4.43 38.52 7.03
CA HIS C 117 4.14 37.18 7.63
C HIS C 117 4.61 36.09 6.69
N VAL C 118 4.02 36.04 5.49
CA VAL C 118 4.57 34.99 4.61
C VAL C 118 6.14 35.02 4.44
N ALA C 119 6.77 36.16 4.28
CA ALA C 119 8.23 36.10 3.92
C ALA C 119 9.22 35.50 4.95
N ALA C 120 8.98 35.61 6.27
CA ALA C 120 9.92 34.93 7.16
C ALA C 120 9.55 33.40 7.37
N THR C 121 8.28 32.99 7.26
CA THR C 121 7.99 31.55 7.40
C THR C 121 8.21 30.76 6.07
N TRP C 122 8.78 31.44 4.96
CA TRP C 122 9.17 30.74 3.71
C TRP C 122 10.68 31.06 3.52
N GLY C 123 11.33 31.64 4.57
CA GLY C 123 12.79 31.91 4.58
C GLY C 123 13.46 32.86 3.61
N HIS C 124 13.19 34.18 3.68
CA HIS C 124 13.89 35.10 2.73
C HIS C 124 14.14 36.52 3.30
N LEU C 125 15.35 36.69 3.82
CA LEU C 125 15.85 37.95 4.39
C LEU C 125 15.56 39.10 3.43
N GLU C 126 16.31 39.12 2.31
CA GLU C 126 16.26 40.10 1.24
C GLU C 126 14.87 40.66 1.21
N ILE C 127 13.86 39.89 0.79
CA ILE C 127 12.53 40.45 0.70
C ILE C 127 12.00 41.00 2.03
N VAL C 128 11.94 40.23 3.15
CA VAL C 128 11.44 40.80 4.44
C VAL C 128 12.02 42.20 4.74
N ASP C 129 13.33 42.38 4.43
CA ASP C 129 14.10 43.62 4.61
C ASP C 129 13.46 44.75 3.81
N VAL C 130 13.24 44.55 2.50
CA VAL C 130 12.59 45.58 1.64
C VAL C 130 11.18 45.98 2.17
N LEU C 131 10.37 44.97 2.55
CA LEU C 131 9.11 45.16 3.15
C LEU C 131 9.42 46.03 4.37
N LEU C 132 10.53 45.73 5.08
CA LEU C 132 10.77 46.50 6.30
C LEU C 132 11.14 47.90 5.95
N ALA C 133 12.18 48.05 5.15
CA ALA C 133 12.58 49.39 4.72
C ALA C 133 11.40 50.14 4.14
N ASN C 134 10.31 49.45 3.83
CA ASN C 134 9.21 50.13 3.20
C ASN C 134 7.96 50.25 3.99
N GLY C 135 8.12 50.40 5.32
CA GLY C 135 6.97 50.57 6.20
C GLY C 135 6.29 49.26 6.54
N ALA C 136 6.95 48.09 6.34
CA ALA C 136 6.23 46.87 6.72
C ALA C 136 5.92 46.98 8.16
N ASP C 137 4.69 46.68 8.53
CA ASP C 137 4.43 46.77 9.95
C ASP C 137 4.85 45.50 10.61
N VAL C 138 5.58 45.61 11.70
CA VAL C 138 6.03 44.38 12.32
C VAL C 138 4.90 43.81 13.17
N ASN C 139 4.40 44.60 14.12
CA ASN C 139 3.35 44.13 14.97
C ASN C 139 2.06 44.12 14.31
N ALA C 140 1.55 42.96 14.18
CA ALA C 140 0.25 42.83 13.56
C ALA C 140 -0.24 41.50 14.02
N ASN C 141 -1.43 41.07 13.67
CA ASN C 141 -1.78 39.80 14.28
C ASN C 141 -2.45 38.89 13.33
N ASP C 142 -1.79 37.76 13.07
CA ASP C 142 -2.39 36.75 12.16
C ASP C 142 -3.43 36.10 13.08
N ARG C 143 -4.73 35.85 12.70
CA ARG C 143 -5.58 35.34 13.78
C ARG C 143 -5.04 34.16 14.43
N GLN C 144 -4.33 33.26 13.72
CA GLN C 144 -3.90 32.09 14.52
C GLN C 144 -3.11 32.56 15.76
N GLY C 145 -2.84 33.88 15.86
CA GLY C 145 -2.14 34.41 17.00
C GLY C 145 -0.70 34.17 16.70
N LYS C 146 -0.22 34.81 15.64
CA LYS C 146 1.16 34.57 15.27
C LYS C 146 1.66 35.78 14.53
N THR C 147 2.63 36.47 15.06
CA THR C 147 3.17 37.60 14.36
C THR C 147 4.25 37.03 13.47
N PRO C 148 4.78 37.84 12.56
CA PRO C 148 5.83 37.37 11.67
C PRO C 148 6.93 36.79 12.47
N PHE C 149 7.13 37.37 13.66
CA PHE C 149 8.20 36.84 14.53
C PHE C 149 7.96 35.38 14.98
N ASP C 150 6.76 35.06 15.49
CA ASP C 150 6.46 33.70 15.84
C ASP C 150 6.78 32.92 14.62
N LEU C 151 6.01 33.20 13.51
CA LEU C 151 6.22 32.54 12.22
C LEU C 151 7.71 32.37 11.91
N ALA C 152 8.47 33.49 11.98
CA ALA C 152 9.92 33.51 11.73
C ALA C 152 10.61 32.42 12.52
N ILE C 153 10.33 32.42 13.83
CA ILE C 153 10.89 31.40 14.68
C ILE C 153 10.15 30.16 14.30
N ASP C 154 8.91 29.99 14.82
CA ASP C 154 8.05 28.85 14.52
C ASP C 154 8.60 27.97 13.42
N ASN C 155 8.67 28.47 12.15
CA ASN C 155 9.19 27.63 11.08
C ASN C 155 10.71 27.49 11.24
N GLY C 156 11.47 27.36 10.17
CA GLY C 156 12.89 27.13 10.39
C GLY C 156 13.84 28.21 9.92
N ASN C 157 13.80 29.43 10.53
CA ASN C 157 14.75 30.42 10.01
C ASN C 157 15.18 31.24 11.16
N GLU C 158 16.31 30.94 11.82
CA GLU C 158 16.55 31.80 12.97
C GLU C 158 17.10 33.15 12.55
N ASP C 159 17.83 33.24 11.41
CA ASP C 159 18.38 34.52 10.98
C ASP C 159 17.31 35.59 11.11
N ILE C 160 16.36 35.49 10.20
CA ILE C 160 15.23 36.38 10.13
C ILE C 160 14.61 36.50 11.48
N ALA C 161 14.64 35.43 12.28
CA ALA C 161 14.03 35.64 13.59
C ALA C 161 14.74 36.74 14.30
N GLU C 162 16.03 36.87 14.07
CA GLU C 162 16.72 37.96 14.74
C GLU C 162 16.28 39.33 14.23
N VAL C 163 16.60 39.64 12.97
CA VAL C 163 16.26 40.97 12.44
C VAL C 163 14.86 41.44 12.86
N LEU C 164 13.87 40.54 12.79
CA LEU C 164 12.52 40.96 13.21
C LEU C 164 12.53 41.42 14.64
N GLN C 165 13.13 40.67 15.59
CA GLN C 165 13.07 41.25 16.95
C GLN C 165 13.81 42.58 17.11
N LYS C 166 15.07 42.75 16.65
CA LYS C 166 15.66 44.08 16.92
C LYS C 166 14.79 45.23 16.43
N ALA C 167 14.20 45.12 15.23
CA ALA C 167 13.35 46.24 14.85
C ALA C 167 12.23 46.39 15.89
N ALA C 168 11.32 45.38 16.04
CA ALA C 168 10.32 45.58 17.07
C ALA C 168 11.09 46.02 18.33
N LYS C 169 12.03 45.30 19.00
CA LYS C 169 12.77 45.87 20.16
C LYS C 169 12.73 47.45 20.34
N LEU C 170 13.37 48.26 19.42
CA LEU C 170 13.31 49.75 19.55
C LEU C 170 11.82 50.25 19.66
N ASN C 171 10.87 49.39 19.21
CA ASN C 171 9.37 49.54 19.18
C ASN C 171 8.89 50.54 20.24
N HIS D 9 -4.65 0.88 18.32
CA HIS D 9 -4.52 -0.34 17.48
C HIS D 9 -3.23 -0.50 16.61
N HIS D 10 -2.51 0.59 16.33
CA HIS D 10 -1.35 0.51 15.41
C HIS D 10 -0.07 -0.20 15.87
N GLY D 11 0.13 -0.53 17.16
CA GLY D 11 1.37 -1.21 17.52
C GLY D 11 1.24 -2.60 16.96
N SER D 12 0.16 -3.29 17.33
CA SER D 12 -0.04 -4.65 16.84
C SER D 12 0.00 -4.63 15.32
N ASP D 13 -0.64 -3.61 14.68
CA ASP D 13 -0.61 -3.57 13.22
C ASP D 13 0.76 -3.20 12.68
N LEU D 14 1.51 -2.29 13.34
CA LEU D 14 2.80 -1.96 12.77
C LEU D 14 3.79 -3.14 12.93
N GLY D 15 3.50 -4.06 13.87
CA GLY D 15 4.39 -5.18 14.09
C GLY D 15 3.99 -6.15 13.02
N LYS D 16 2.69 -6.43 12.96
CA LYS D 16 2.15 -7.32 11.94
C LYS D 16 2.76 -6.84 10.57
N LYS D 17 2.70 -5.51 10.28
CA LYS D 17 3.24 -4.85 9.06
C LYS D 17 4.71 -5.18 8.78
N LEU D 18 5.63 -4.98 9.74
CA LEU D 18 7.03 -5.38 9.58
C LEU D 18 7.05 -6.90 9.33
N LEU D 19 6.48 -7.70 10.28
CA LEU D 19 6.41 -9.14 10.02
C LEU D 19 5.86 -9.39 8.58
N ASP D 20 4.86 -8.64 8.16
CA ASP D 20 4.39 -8.94 6.80
C ASP D 20 5.47 -8.52 5.80
N ALA D 21 6.07 -7.34 6.04
CA ALA D 21 7.05 -6.87 5.12
C ALA D 21 8.19 -7.90 5.06
N ALA D 22 8.65 -8.37 6.24
CA ALA D 22 9.78 -9.30 6.19
C ALA D 22 9.52 -10.60 5.37
N SER D 23 8.33 -11.21 5.40
CA SER D 23 8.17 -12.43 4.68
C SER D 23 8.09 -12.17 3.21
N ALA D 24 7.49 -11.06 2.81
CA ALA D 24 7.33 -10.81 1.35
C ALA D 24 8.64 -10.58 0.63
N GLY D 25 9.60 -9.89 1.26
CA GLY D 25 10.87 -9.61 0.60
C GLY D 25 11.18 -8.15 0.57
N GLN D 26 10.23 -7.40 1.05
CA GLN D 26 10.28 -5.94 1.01
C GLN D 26 11.43 -5.12 1.67
N ASP D 27 12.66 -5.34 1.22
CA ASP D 27 13.82 -4.65 1.79
C ASP D 27 13.52 -3.15 2.04
N ASP D 28 13.06 -2.51 0.99
CA ASP D 28 12.70 -1.06 1.08
C ASP D 28 11.57 -0.85 2.06
N GLU D 29 10.46 -1.62 1.90
CA GLU D 29 9.38 -1.38 2.89
C GLU D 29 9.86 -1.57 4.36
N VAL D 30 10.48 -2.67 4.67
CA VAL D 30 11.02 -2.97 6.01
C VAL D 30 11.74 -1.77 6.56
N ARG D 31 12.82 -1.47 6.00
CA ARG D 31 13.61 -0.32 6.26
C ARG D 31 12.85 0.92 6.73
N ILE D 32 11.69 1.17 6.17
CA ILE D 32 10.95 2.35 6.57
C ILE D 32 10.19 2.05 7.84
N LEU D 33 9.55 0.89 7.86
CA LEU D 33 8.74 0.52 9.02
C LEU D 33 9.56 0.51 10.31
N ILE D 34 10.79 0.24 10.21
CA ILE D 34 11.69 0.27 11.32
C ILE D 34 12.05 1.71 11.46
N ALA D 35 12.58 2.37 10.40
CA ALA D 35 12.91 3.75 10.57
C ALA D 35 11.74 4.63 11.07
N ASN D 36 10.41 4.18 11.04
CA ASN D 36 9.36 5.04 11.57
C ASN D 36 9.10 4.76 13.05
N GLY D 37 9.00 3.52 13.44
CA GLY D 37 8.89 3.20 14.86
C GLY D 37 8.46 1.76 15.05
N ALA D 38 8.92 0.89 14.17
CA ALA D 38 8.52 -0.51 14.22
C ALA D 38 9.23 -1.22 15.34
N ASP D 39 8.45 -1.92 16.11
CA ASP D 39 8.86 -2.69 17.27
C ASP D 39 10.07 -3.57 16.95
N VAL D 40 10.25 -3.96 15.68
CA VAL D 40 11.30 -4.87 15.19
C VAL D 40 10.97 -6.15 15.95
N ASN D 41 11.23 -6.22 17.22
CA ASN D 41 10.83 -7.36 18.04
C ASN D 41 9.31 -7.65 18.12
N ALA D 42 8.58 -7.85 17.03
CA ALA D 42 7.22 -8.19 17.32
C ALA D 42 7.26 -9.65 17.48
N SER D 43 6.12 -10.31 17.61
CA SER D 43 6.04 -11.77 17.71
C SER D 43 4.65 -12.20 17.41
N ASP D 44 4.44 -13.20 16.57
CA ASP D 44 3.07 -13.57 16.26
C ASP D 44 2.76 -14.96 16.69
N THR D 45 1.77 -15.17 17.47
CA THR D 45 1.32 -16.49 17.93
C THR D 45 2.35 -17.60 17.74
N TYR D 46 2.62 -18.10 16.47
CA TYR D 46 3.63 -19.12 16.36
C TYR D 46 5.01 -18.77 17.05
N GLY D 47 5.19 -17.55 17.51
CA GLY D 47 6.42 -17.19 18.18
C GLY D 47 7.51 -16.75 17.23
N ARG D 48 7.12 -16.44 15.99
CA ARG D 48 8.03 -16.02 14.89
C ARG D 48 8.28 -14.51 14.91
N THR D 49 9.43 -14.06 14.50
CA THR D 49 9.78 -12.66 14.43
C THR D 49 10.23 -12.34 13.04
N PRO D 50 10.46 -11.06 12.86
CA PRO D 50 10.93 -10.63 11.53
C PRO D 50 12.24 -11.32 11.25
N LEU D 51 13.17 -11.21 12.18
CA LEU D 51 14.45 -11.91 12.02
C LEU D 51 14.19 -13.43 11.78
N HIS D 52 13.04 -14.07 12.23
CA HIS D 52 12.95 -15.43 11.74
C HIS D 52 12.52 -15.40 10.25
N ALA D 53 11.68 -14.44 9.81
CA ALA D 53 11.53 -14.57 8.31
C ALA D 53 12.74 -13.99 7.55
N ALA D 54 13.64 -13.32 8.26
CA ALA D 54 14.72 -12.80 7.51
C ALA D 54 15.82 -13.86 7.35
N ALA D 55 15.66 -14.95 8.04
CA ALA D 55 16.60 -16.07 7.86
C ALA D 55 16.45 -16.67 6.54
N TRP D 56 15.21 -16.83 6.04
CA TRP D 56 14.99 -17.36 4.69
C TRP D 56 15.96 -16.45 3.91
N GLY D 57 16.56 -16.83 2.82
CA GLY D 57 17.49 -15.90 2.13
C GLY D 57 17.15 -14.42 1.89
N HIS D 58 17.24 -13.51 2.91
CA HIS D 58 16.88 -12.06 2.78
C HIS D 58 17.86 -11.19 3.65
N LEU D 59 19.05 -11.04 3.14
CA LEU D 59 20.07 -10.46 3.99
C LEU D 59 19.93 -9.02 4.52
N GLU D 60 19.98 -7.95 3.70
CA GLU D 60 20.01 -6.66 4.32
C GLU D 60 18.93 -6.62 5.31
N ILE D 61 17.75 -7.22 5.04
CA ILE D 61 16.73 -7.18 6.15
C ILE D 61 17.37 -7.77 7.42
N VAL D 62 18.13 -8.91 7.31
CA VAL D 62 18.71 -9.38 8.59
C VAL D 62 19.69 -8.26 9.15
N ASP D 63 20.42 -7.58 8.23
CA ASP D 63 21.30 -6.50 8.59
C ASP D 63 20.60 -5.41 9.30
N VAL D 64 19.65 -4.83 8.65
CA VAL D 64 18.89 -3.73 9.22
C VAL D 64 18.19 -4.17 10.50
N LEU D 65 17.39 -5.29 10.47
CA LEU D 65 16.81 -5.70 11.76
C LEU D 65 17.90 -5.70 12.81
N LEU D 66 18.91 -6.60 12.71
CA LEU D 66 19.95 -6.63 13.72
C LEU D 66 20.48 -5.29 14.10
N ALA D 67 20.61 -4.32 13.20
CA ALA D 67 21.16 -3.03 13.58
C ALA D 67 20.29 -2.32 14.54
N TYR D 68 19.00 -2.69 14.58
CA TYR D 68 18.10 -2.00 15.50
C TYR D 68 17.84 -2.75 16.77
N GLY D 69 18.55 -3.87 16.99
CA GLY D 69 18.42 -4.63 18.22
C GLY D 69 17.35 -5.71 18.26
N ALA D 70 17.23 -6.52 17.21
CA ALA D 70 16.23 -7.55 17.35
C ALA D 70 16.81 -8.59 18.28
N ASP D 71 15.95 -9.32 19.02
CA ASP D 71 16.55 -10.34 19.85
C ASP D 71 17.03 -11.39 18.90
N VAL D 72 18.26 -11.29 18.46
CA VAL D 72 18.74 -12.36 17.58
C VAL D 72 18.43 -13.77 18.10
N ASN D 73 18.25 -14.01 19.44
CA ASN D 73 18.03 -15.40 19.83
C ASN D 73 16.61 -15.72 20.17
N ALA D 74 15.63 -14.99 19.59
CA ALA D 74 14.26 -15.34 19.96
C ALA D 74 13.97 -16.78 19.60
N SER D 75 13.72 -17.64 20.57
CA SER D 75 13.32 -19.03 20.30
C SER D 75 11.81 -18.93 19.77
N ASP D 76 11.21 -19.92 19.04
CA ASP D 76 9.82 -19.74 18.55
C ASP D 76 8.90 -20.79 19.14
N LYS D 77 7.70 -21.15 18.60
CA LYS D 77 6.89 -22.22 19.26
C LYS D 77 7.76 -23.48 19.43
N TRP D 78 7.95 -24.20 18.28
CA TRP D 78 8.78 -25.39 18.19
C TRP D 78 10.13 -25.12 18.81
N GLY D 79 10.54 -23.88 18.93
CA GLY D 79 11.78 -23.61 19.62
C GLY D 79 12.95 -23.23 18.73
N TYR D 80 12.65 -22.86 17.43
CA TYR D 80 13.75 -22.48 16.61
C TYR D 80 14.23 -20.99 16.87
N THR D 81 15.59 -20.70 16.71
CA THR D 81 16.21 -19.41 16.69
C THR D 81 16.55 -19.11 15.17
N PRO D 82 16.91 -17.84 14.88
CA PRO D 82 17.19 -17.42 13.52
C PRO D 82 18.22 -18.19 12.90
N LEU D 83 19.27 -18.44 13.72
CA LEU D 83 20.49 -19.23 13.36
C LEU D 83 20.13 -20.63 12.78
N HIS D 84 19.38 -21.40 13.51
CA HIS D 84 18.78 -22.64 13.04
C HIS D 84 18.17 -22.39 11.63
N LEU D 85 17.07 -21.53 11.51
CA LEU D 85 16.42 -21.23 10.18
C LEU D 85 17.45 -20.95 9.05
N ALA D 86 18.37 -19.95 9.21
CA ALA D 86 19.28 -19.86 8.10
C ALA D 86 20.06 -21.26 7.83
N ALA D 87 20.52 -21.95 8.88
CA ALA D 87 21.27 -23.22 8.73
C ALA D 87 20.52 -24.16 7.84
N ASN D 88 19.31 -24.40 8.18
CA ASN D 88 18.50 -25.29 7.42
C ASN D 88 18.51 -24.77 6.01
N GLU D 89 18.38 -23.43 5.80
CA GLU D 89 18.34 -23.04 4.38
C GLU D 89 19.68 -22.99 3.55
N GLY D 90 20.90 -22.86 4.11
CA GLY D 90 22.06 -22.89 3.22
C GLY D 90 22.63 -21.52 3.06
N HIS D 91 22.07 -20.51 3.74
CA HIS D 91 22.67 -19.24 3.40
C HIS D 91 23.85 -18.95 4.20
N LEU D 92 25.00 -18.89 3.51
CA LEU D 92 26.18 -18.70 4.33
C LEU D 92 26.24 -17.32 4.87
N GLU D 93 25.80 -16.26 4.06
CA GLU D 93 25.86 -14.92 4.61
C GLU D 93 24.86 -14.79 5.78
N ILE D 94 23.64 -15.25 5.62
CA ILE D 94 22.79 -14.88 6.76
C ILE D 94 23.22 -15.46 8.12
N VAL D 95 23.66 -16.74 8.12
CA VAL D 95 24.24 -17.48 9.28
C VAL D 95 25.35 -16.68 9.65
N GLU D 96 26.07 -16.30 8.61
CA GLU D 96 27.25 -15.51 8.99
C GLU D 96 26.93 -14.20 9.77
N VAL D 97 26.08 -13.25 9.31
CA VAL D 97 25.73 -12.05 10.07
C VAL D 97 25.03 -12.51 11.46
N LEU D 98 24.38 -13.74 11.49
CA LEU D 98 23.72 -14.08 12.78
C LEU D 98 24.69 -14.45 13.96
N LEU D 99 25.86 -15.04 13.65
CA LEU D 99 26.89 -15.44 14.63
C LEU D 99 27.65 -14.29 15.12
N ALA D 100 28.03 -13.41 14.16
CA ALA D 100 28.83 -12.31 14.62
C ALA D 100 27.93 -11.28 15.24
N ASN D 101 26.67 -11.62 15.44
CA ASN D 101 25.77 -10.60 16.03
C ASN D 101 25.29 -11.17 17.30
N GLY D 102 25.88 -12.30 17.65
CA GLY D 102 25.61 -12.87 18.95
C GLY D 102 24.52 -13.89 19.04
N ALA D 103 24.33 -14.66 18.00
CA ALA D 103 23.31 -15.70 18.09
C ALA D 103 23.98 -16.98 18.55
N ASP D 104 23.54 -17.54 19.66
CA ASP D 104 24.12 -18.78 20.20
C ASP D 104 23.93 -19.92 19.27
N VAL D 105 25.08 -20.57 18.87
CA VAL D 105 25.25 -21.72 18.01
C VAL D 105 24.76 -22.97 18.65
N ASN D 106 24.34 -22.94 19.90
CA ASN D 106 23.86 -24.17 20.49
C ASN D 106 22.42 -24.05 21.02
N ALA D 107 21.66 -23.22 20.40
CA ALA D 107 20.28 -23.10 20.86
C ALA D 107 19.48 -24.44 20.68
N SER D 108 18.98 -25.04 21.77
CA SER D 108 18.25 -26.26 21.55
C SER D 108 16.78 -26.09 21.08
N SER D 109 16.39 -26.81 20.03
CA SER D 109 14.98 -26.81 19.59
C SER D 109 14.29 -27.71 20.58
N GLN D 110 13.05 -27.50 20.91
CA GLN D 110 12.22 -28.29 21.84
C GLN D 110 12.36 -29.78 21.69
N ARG D 111 13.26 -30.23 20.81
CA ARG D 111 13.73 -31.61 20.64
C ARG D 111 15.31 -31.70 20.76
N GLY D 112 16.02 -30.70 21.31
CA GLY D 112 17.46 -30.81 21.40
C GLY D 112 18.19 -30.65 20.07
N GLN D 113 17.44 -30.47 18.94
CA GLN D 113 18.12 -30.21 17.67
C GLN D 113 18.92 -28.92 17.89
N THR D 114 20.22 -28.94 17.73
CA THR D 114 20.94 -27.68 17.82
C THR D 114 21.09 -27.19 16.44
N PRO D 115 21.54 -25.93 16.25
CA PRO D 115 21.70 -25.43 14.87
C PRO D 115 22.54 -26.40 14.06
N LEU D 116 23.43 -27.07 14.76
CA LEU D 116 24.29 -28.06 14.07
C LEU D 116 23.52 -29.38 13.72
N HIS D 117 22.50 -29.73 14.47
CA HIS D 117 21.81 -31.00 14.22
C HIS D 117 21.04 -30.77 12.94
N VAL D 118 20.39 -29.59 12.83
CA VAL D 118 19.61 -29.25 11.61
C VAL D 118 20.57 -29.16 10.39
N ALA D 119 21.73 -28.48 10.50
CA ALA D 119 22.62 -28.49 9.34
C ALA D 119 23.03 -29.98 8.82
N ALA D 120 23.54 -30.90 9.71
CA ALA D 120 23.88 -32.29 9.35
C ALA D 120 22.68 -32.94 8.72
N THR D 121 21.52 -32.78 9.35
CA THR D 121 20.32 -33.34 8.67
C THR D 121 20.03 -32.87 7.14
N TRP D 122 20.08 -31.58 6.77
CA TRP D 122 19.75 -31.13 5.39
C TRP D 122 20.98 -31.10 4.43
N GLY D 123 22.26 -31.23 4.89
CA GLY D 123 23.40 -31.21 3.96
C GLY D 123 23.96 -29.83 3.68
N HIS D 124 24.58 -29.15 4.64
CA HIS D 124 25.12 -27.81 4.44
C HIS D 124 26.45 -27.72 5.07
N LEU D 125 27.41 -28.30 4.38
CA LEU D 125 28.77 -28.41 4.81
C LEU D 125 29.40 -27.11 5.25
N GLU D 126 29.47 -26.11 4.42
CA GLU D 126 30.21 -24.88 4.75
C GLU D 126 29.55 -24.23 5.91
N ILE D 127 28.30 -24.57 6.14
CA ILE D 127 27.56 -23.96 7.22
C ILE D 127 28.01 -24.72 8.39
N VAL D 128 27.82 -26.04 8.38
CA VAL D 128 28.32 -26.89 9.49
C VAL D 128 29.80 -26.44 9.78
N ASP D 129 30.64 -26.50 8.77
CA ASP D 129 31.99 -26.04 8.90
C ASP D 129 32.02 -24.73 9.64
N VAL D 130 31.15 -23.67 9.26
CA VAL D 130 31.17 -22.34 10.01
C VAL D 130 30.54 -22.33 11.46
N LEU D 131 29.49 -23.16 11.73
CA LEU D 131 28.97 -23.41 13.05
C LEU D 131 30.16 -24.05 13.83
N LEU D 132 30.98 -24.97 13.22
CA LEU D 132 32.07 -25.56 13.98
C LEU D 132 33.18 -24.45 14.14
N ALA D 133 33.39 -23.45 13.14
CA ALA D 133 34.52 -22.57 13.53
C ALA D 133 34.09 -21.63 14.55
N ASN D 134 32.83 -21.78 14.99
CA ASN D 134 32.36 -20.86 16.00
C ASN D 134 31.90 -21.61 17.29
N GLY D 135 32.39 -22.88 17.53
CA GLY D 135 32.09 -23.52 18.81
C GLY D 135 30.79 -24.27 18.78
N ALA D 136 30.51 -24.92 17.68
CA ALA D 136 29.24 -25.61 17.65
C ALA D 136 29.49 -26.74 18.53
N ASP D 137 28.55 -27.15 19.37
CA ASP D 137 29.04 -28.26 20.19
C ASP D 137 28.76 -29.48 19.41
N VAL D 138 29.64 -30.49 19.48
CA VAL D 138 29.30 -31.63 18.66
C VAL D 138 28.34 -32.59 19.33
N ASN D 139 28.56 -32.93 20.59
CA ASN D 139 27.74 -33.93 21.27
C ASN D 139 26.49 -33.40 22.08
N ALA D 140 25.37 -33.10 21.40
CA ALA D 140 24.14 -32.62 22.03
C ALA D 140 23.08 -33.65 21.71
N ASN D 141 22.15 -34.01 22.65
CA ASN D 141 21.30 -35.08 22.20
C ASN D 141 19.88 -34.75 22.00
N ASP D 142 19.31 -35.20 20.90
CA ASP D 142 17.89 -35.08 20.59
C ASP D 142 17.13 -35.70 21.72
N ARG D 143 15.81 -35.51 21.72
CA ARG D 143 15.01 -36.23 22.63
C ARG D 143 15.27 -37.70 22.26
N GLN D 144 15.69 -38.03 20.98
CA GLN D 144 15.82 -39.48 20.80
C GLN D 144 17.21 -39.94 21.21
N GLY D 145 18.22 -39.06 21.09
CA GLY D 145 19.59 -39.41 21.43
C GLY D 145 20.37 -39.51 20.14
N LYS D 146 19.97 -38.68 19.13
CA LYS D 146 20.65 -38.71 17.88
C LYS D 146 21.53 -37.49 17.93
N THR D 147 22.82 -37.68 17.91
CA THR D 147 23.76 -36.58 17.89
C THR D 147 23.78 -36.09 16.46
N PRO D 148 24.42 -34.97 16.23
CA PRO D 148 24.45 -34.46 14.85
C PRO D 148 25.17 -35.42 13.89
N PHE D 149 26.17 -36.19 14.38
CA PHE D 149 26.87 -37.08 13.45
C PHE D 149 25.89 -38.13 13.01
N ASP D 150 25.25 -38.72 14.02
CA ASP D 150 24.33 -39.82 13.87
C ASP D 150 23.36 -39.38 12.90
N LEU D 151 22.98 -38.13 13.06
CA LEU D 151 21.93 -37.53 12.17
C LEU D 151 22.35 -37.33 10.72
N ALA D 152 23.56 -36.89 10.50
CA ALA D 152 24.11 -36.68 9.17
C ALA D 152 24.13 -38.02 8.38
N ILE D 153 24.59 -39.08 9.09
CA ILE D 153 24.72 -40.47 8.68
C ILE D 153 23.34 -40.85 8.31
N ASP D 154 22.38 -40.48 9.16
CA ASP D 154 21.02 -40.85 8.85
C ASP D 154 20.57 -40.26 7.49
N ASN D 155 21.01 -39.00 7.13
CA ASN D 155 20.47 -38.39 5.96
C ASN D 155 21.36 -38.59 4.73
N GLY D 156 22.21 -39.68 4.74
CA GLY D 156 23.09 -39.98 3.60
C GLY D 156 24.24 -38.99 3.38
N ASN D 157 24.51 -38.11 4.32
CA ASN D 157 25.48 -37.11 4.02
C ASN D 157 26.77 -37.51 4.52
N GLU D 158 27.45 -38.29 3.71
CA GLU D 158 28.73 -38.75 4.27
C GLU D 158 29.74 -37.65 4.35
N ASP D 159 29.82 -36.67 3.40
CA ASP D 159 30.88 -35.68 3.66
C ASP D 159 30.62 -35.04 5.05
N ILE D 160 29.34 -34.87 5.42
CA ILE D 160 29.14 -34.17 6.72
C ILE D 160 29.46 -35.11 7.92
N ALA D 161 29.01 -36.38 7.85
CA ALA D 161 29.40 -37.36 8.87
C ALA D 161 30.97 -37.51 9.04
N GLU D 162 31.76 -37.45 7.93
CA GLU D 162 33.20 -37.60 7.97
C GLU D 162 33.93 -36.42 8.60
N VAL D 163 33.53 -35.22 8.27
CA VAL D 163 34.11 -34.04 8.96
C VAL D 163 33.83 -34.11 10.52
N LEU D 164 32.55 -34.43 10.91
CA LEU D 164 32.20 -34.65 12.30
C LEU D 164 33.07 -35.88 12.87
N GLN D 165 33.28 -37.11 12.17
CA GLN D 165 34.14 -38.00 12.95
C GLN D 165 35.51 -37.32 13.25
N LYS D 166 36.11 -36.59 12.27
CA LYS D 166 37.43 -35.96 12.52
C LYS D 166 37.42 -34.88 13.61
N ALA D 167 36.24 -34.30 13.87
CA ALA D 167 36.16 -33.28 14.93
C ALA D 167 36.13 -34.05 16.26
N ALA D 168 35.25 -35.07 16.34
CA ALA D 168 35.20 -35.84 17.56
C ALA D 168 36.49 -36.69 17.72
N LYS D 169 37.44 -36.58 16.78
CA LYS D 169 38.72 -37.31 16.92
C LYS D 169 39.85 -36.47 17.54
N LEU D 170 40.23 -35.26 17.00
CA LEU D 170 41.26 -34.46 17.74
C LEU D 170 40.65 -34.38 19.23
N ASN D 171 39.28 -34.53 19.43
CA ASN D 171 38.64 -34.47 20.80
C ASN D 171 39.50 -35.15 21.86
#